data_5DVA
#
_entry.id   5DVA
#
_cell.length_a   91.037
_cell.length_b   109.660
_cell.length_c   124.241
_cell.angle_alpha   90.000
_cell.angle_beta   90.000
_cell.angle_gamma   90.000
#
_symmetry.space_group_name_H-M   'P 21 21 21'
#
loop_
_entity.id
_entity.type
_entity.pdbx_description
1 polymer Beta-lactamase
2 non-polymer '3-(pyridin-4-yl)benzoic acid'
3 non-polymer 'CHLORIDE ION'
4 water water
#
_entity_poly.entity_id   1
_entity_poly.type   'polypeptide(L)'
_entity_poly.pdbx_seq_one_letter_code
;AKEWQENKSWNAHFTEHKSQGVVVLWNENKQQGFTNNLKRANQAFLPASTF(KCX)IPNSLIALDLGVVKDEHQVFKWDG
QTRDIATWNRDHNLITAMKYSVVPVYQEFARQIGEARMSKMLHAFDYGNEDISGNVDSFWLDGGIRISATEQISFLRKLY
HNKLHVSERSQRIVKQAMLTEANGDYIIRAKTGYSTRIEPKIGWWVGWVELDDNVWFFAMNMDMPTSDGLGLRQAITKEV
LKQEKIIP
;
_entity_poly.pdbx_strand_id   A,B,C,D
#
loop_
_chem_comp.id
_chem_comp.type
_chem_comp.name
_chem_comp.formula
5FL non-polymer '3-(pyridin-4-yl)benzoic acid' 'C12 H9 N O2'
CL non-polymer 'CHLORIDE ION' 'Cl -1'
#
# COMPACT_ATOMS: atom_id res chain seq x y z
N GLU A 3 -51.83 13.36 -12.55
CA GLU A 3 -50.84 12.60 -13.31
C GLU A 3 -50.01 11.72 -12.39
N TRP A 4 -49.46 12.33 -11.34
CA TRP A 4 -48.63 11.60 -10.39
C TRP A 4 -49.50 10.85 -9.38
N GLN A 5 -49.06 9.64 -9.03
CA GLN A 5 -49.76 8.81 -8.05
C GLN A 5 -48.75 8.25 -7.06
N GLU A 6 -49.16 8.18 -5.79
CA GLU A 6 -48.30 7.69 -4.73
C GLU A 6 -48.69 6.26 -4.39
N ASN A 7 -47.70 5.37 -4.32
CA ASN A 7 -47.90 3.94 -4.05
C ASN A 7 -47.02 3.60 -2.85
N LYS A 8 -47.58 3.73 -1.64
CA LYS A 8 -46.83 3.45 -0.43
C LYS A 8 -46.51 1.97 -0.24
N SER A 9 -47.03 1.10 -1.11
CA SER A 9 -46.73 -0.33 -0.98
C SER A 9 -45.25 -0.60 -1.22
N TRP A 10 -44.61 0.17 -2.11
CA TRP A 10 -43.20 -0.04 -2.41
C TRP A 10 -42.32 0.08 -1.17
N ASN A 11 -42.77 0.81 -0.15
CA ASN A 11 -41.98 0.96 1.06
C ASN A 11 -41.61 -0.40 1.65
N ALA A 12 -42.43 -1.42 1.40
CA ALA A 12 -42.11 -2.76 1.90
C ALA A 12 -40.73 -3.20 1.42
N HIS A 13 -40.36 -2.83 0.20
CA HIS A 13 -39.06 -3.23 -0.33
C HIS A 13 -37.93 -2.53 0.42
N PHE A 14 -38.14 -1.29 0.86
CA PHE A 14 -37.11 -0.60 1.63
C PHE A 14 -37.01 -1.16 3.05
N THR A 15 -38.14 -1.46 3.68
CA THR A 15 -38.14 -1.84 5.09
C THR A 15 -37.54 -3.23 5.28
N GLU A 16 -37.89 -4.19 4.42
CA GLU A 16 -37.31 -5.52 4.53
C GLU A 16 -35.79 -5.50 4.42
N HIS A 17 -35.22 -4.40 3.91
CA HIS A 17 -33.78 -4.20 3.88
C HIS A 17 -33.32 -3.20 4.93
N LYS A 18 -34.19 -2.85 5.89
CA LYS A 18 -33.83 -1.96 6.99
C LYS A 18 -33.23 -0.66 6.46
N SER A 19 -33.82 -0.13 5.39
CA SER A 19 -33.35 1.10 4.77
C SER A 19 -34.53 2.01 4.46
N GLN A 20 -34.22 3.22 4.02
CA GLN A 20 -35.21 4.22 3.66
C GLN A 20 -34.78 4.87 2.36
N GLY A 21 -35.77 5.30 1.57
CA GLY A 21 -35.46 5.95 0.30
C GLY A 21 -36.71 6.13 -0.53
N VAL A 22 -36.49 6.48 -1.79
CA VAL A 22 -37.56 6.81 -2.72
C VAL A 22 -37.26 6.15 -4.06
N VAL A 23 -38.31 5.66 -4.73
CA VAL A 23 -38.24 5.21 -6.11
C VAL A 23 -39.27 5.99 -6.91
N VAL A 24 -38.87 6.48 -8.07
CA VAL A 24 -39.72 7.28 -8.94
C VAL A 24 -39.71 6.65 -10.32
N LEU A 25 -40.90 6.34 -10.85
CA LEU A 25 -41.05 5.81 -12.19
C LEU A 25 -41.86 6.77 -13.05
N TRP A 26 -41.57 6.76 -14.35
CA TRP A 26 -42.32 7.57 -15.31
C TRP A 26 -42.60 6.72 -16.54
N ASN A 27 -43.88 6.53 -16.84
CA ASN A 27 -44.31 5.80 -18.04
C ASN A 27 -44.36 6.78 -19.19
N GLU A 28 -43.46 6.59 -20.18
CA GLU A 28 -43.39 7.54 -21.28
C GLU A 28 -44.62 7.47 -22.16
N ASN A 29 -45.11 6.27 -22.46
CA ASN A 29 -46.30 6.14 -23.29
C ASN A 29 -47.49 6.84 -22.64
N LYS A 30 -47.84 6.45 -21.42
CA LYS A 30 -48.98 7.02 -20.72
C LYS A 30 -48.69 8.39 -20.12
N GLN A 31 -47.42 8.81 -20.07
CA GLN A 31 -47.05 10.10 -19.49
C GLN A 31 -47.51 10.20 -18.04
N GLN A 32 -47.36 9.11 -17.29
CA GLN A 32 -47.76 9.05 -15.89
C GLN A 32 -46.58 8.63 -15.03
N GLY A 33 -46.54 9.17 -13.81
CA GLY A 33 -45.45 8.90 -12.89
C GLY A 33 -45.94 8.24 -11.62
N PHE A 34 -45.06 7.42 -11.03
CA PHE A 34 -45.38 6.68 -9.82
C PHE A 34 -44.20 6.75 -8.86
N THR A 35 -44.49 6.97 -7.59
CA THR A 35 -43.45 7.02 -6.57
C THR A 35 -44.03 6.56 -5.24
N ASN A 36 -43.15 6.20 -4.32
CA ASN A 36 -43.55 5.78 -2.98
C ASN A 36 -43.56 6.92 -1.98
N ASN A 37 -43.03 8.09 -2.35
CA ASN A 37 -42.91 9.20 -1.40
C ASN A 37 -42.85 10.48 -2.21
N LEU A 38 -44.02 11.13 -2.38
CA LEU A 38 -44.08 12.34 -3.18
C LEU A 38 -43.12 13.40 -2.66
N LYS A 39 -43.03 13.56 -1.33
CA LYS A 39 -42.14 14.56 -0.76
C LYS A 39 -40.69 14.29 -1.15
N ARG A 40 -40.17 13.11 -0.80
CA ARG A 40 -38.77 12.81 -1.07
C ARG A 40 -38.48 12.78 -2.56
N ALA A 41 -39.48 12.43 -3.38
CA ALA A 41 -39.28 12.46 -4.83
C ALA A 41 -38.91 13.85 -5.31
N ASN A 42 -39.32 14.89 -4.60
CA ASN A 42 -39.03 16.27 -4.97
C ASN A 42 -38.00 16.92 -4.04
N GLN A 43 -37.43 16.16 -3.11
CA GLN A 43 -36.35 16.68 -2.28
C GLN A 43 -35.03 16.60 -3.03
N ALA A 44 -34.30 17.70 -3.07
CA ALA A 44 -33.09 17.80 -3.87
C ALA A 44 -31.86 17.38 -3.06
N PHE A 45 -31.08 16.47 -3.63
CA PHE A 45 -29.83 15.99 -3.04
C PHE A 45 -28.66 16.34 -3.96
N LEU A 46 -27.46 16.06 -3.48
CA LEU A 46 -26.29 16.21 -4.32
C LEU A 46 -26.29 15.14 -5.41
N PRO A 47 -26.01 15.52 -6.67
CA PRO A 47 -26.02 14.51 -7.74
C PRO A 47 -24.92 13.47 -7.58
N ALA A 48 -23.78 13.84 -7.03
CA ALA A 48 -22.65 12.90 -6.88
C ALA A 48 -22.31 12.37 -8.27
N SER A 49 -22.07 11.06 -8.41
CA SER A 49 -21.59 10.55 -9.70
C SER A 49 -22.66 10.49 -10.77
N THR A 50 -23.93 10.75 -10.44
CA THR A 50 -24.92 10.90 -11.50
C THR A 50 -24.66 12.12 -12.36
N PHE A 51 -23.82 13.03 -11.89
CA PHE A 51 -23.47 14.24 -12.65
C PHE A 51 -22.57 13.91 -13.84
N KCX A 52 -22.07 12.68 -13.91
CA KCX A 52 -21.20 12.28 -15.00
CB KCX A 52 -20.54 10.94 -14.70
CG KCX A 52 -19.40 11.04 -13.68
CD KCX A 52 -18.85 9.67 -13.31
CE KCX A 52 -17.63 9.79 -12.41
NZ KCX A 52 -17.99 10.21 -11.02
C KCX A 52 -21.95 12.22 -16.32
O KCX A 52 -21.34 12.18 -17.38
CX KCX A 52 -17.97 11.49 -10.68
OQ1 KCX A 52 -18.27 11.84 -9.54
OQ2 KCX A 52 -17.66 12.35 -11.52
H KCX A 52 -22.22 12.06 -13.32
HA KCX A 52 -20.48 12.95 -15.09
HB2 KCX A 52 -21.20 10.33 -14.34
HG2 KCX A 52 -19.74 11.45 -12.86
HD2 KCX A 52 -19.53 9.17 -12.85
HE2 KCX A 52 -17.20 8.92 -12.35
N ILE A 53 -23.28 12.22 -16.26
CA ILE A 53 -24.08 12.27 -17.47
C ILE A 53 -23.94 13.67 -18.10
N PRO A 54 -24.39 14.72 -17.40
CA PRO A 54 -24.19 16.06 -17.95
C PRO A 54 -22.74 16.41 -18.16
N ASN A 55 -21.85 15.96 -17.27
CA ASN A 55 -20.42 16.24 -17.42
C ASN A 55 -19.89 15.65 -18.73
N SER A 56 -20.26 14.41 -19.03
CA SER A 56 -19.87 13.79 -20.29
C SER A 56 -20.44 14.56 -21.47
N LEU A 57 -21.72 14.93 -21.40
CA LEU A 57 -22.36 15.65 -22.50
C LEU A 57 -21.63 16.94 -22.81
N ILE A 58 -21.26 17.70 -21.78
CA ILE A 58 -20.57 18.97 -21.99
C ILE A 58 -19.17 18.74 -22.53
N ALA A 59 -18.45 17.77 -21.96
CA ALA A 59 -17.08 17.52 -22.40
C ALA A 59 -17.04 17.10 -23.86
N LEU A 60 -17.98 16.25 -24.29
CA LEU A 60 -18.03 15.83 -25.68
C LEU A 60 -18.36 17.00 -26.59
N ASP A 61 -19.38 17.78 -26.24
CA ASP A 61 -19.86 18.84 -27.12
C ASP A 61 -18.82 19.94 -27.32
N LEU A 62 -17.88 20.09 -26.38
CA LEU A 62 -16.86 21.12 -26.48
C LEU A 62 -15.53 20.62 -27.02
N GLY A 63 -15.39 19.33 -27.24
CA GLY A 63 -14.13 18.77 -27.71
C GLY A 63 -13.17 18.36 -26.62
N VAL A 64 -13.50 18.64 -25.35
CA VAL A 64 -12.68 18.16 -24.24
C VAL A 64 -12.48 16.65 -24.33
N VAL A 65 -13.53 15.94 -24.73
CA VAL A 65 -13.47 14.50 -24.99
C VAL A 65 -13.78 14.29 -26.47
N LYS A 66 -12.84 13.69 -27.19
CA LYS A 66 -12.98 13.58 -28.63
C LYS A 66 -14.04 12.54 -29.00
N ASP A 67 -14.03 11.40 -28.33
CA ASP A 67 -14.98 10.32 -28.61
C ASP A 67 -14.88 9.31 -27.47
N GLU A 68 -15.65 8.23 -27.60
CA GLU A 68 -15.70 7.21 -26.56
C GLU A 68 -14.45 6.34 -26.53
N HIS A 69 -13.47 6.58 -27.40
CA HIS A 69 -12.25 5.80 -27.43
C HIS A 69 -11.04 6.57 -26.90
N GLN A 70 -11.13 7.89 -26.74
CA GLN A 70 -10.00 8.64 -26.23
C GLN A 70 -9.57 8.12 -24.88
N VAL A 71 -8.29 7.78 -24.76
CA VAL A 71 -7.75 7.21 -23.53
C VAL A 71 -7.35 8.34 -22.59
N PHE A 72 -7.71 8.20 -21.32
CA PHE A 72 -7.36 9.16 -20.28
C PHE A 72 -6.38 8.48 -19.33
N LYS A 73 -5.15 8.96 -19.32
CA LYS A 73 -4.07 8.26 -18.63
C LYS A 73 -4.17 8.46 -17.12
N TRP A 74 -3.98 7.37 -16.38
CA TRP A 74 -3.86 7.45 -14.94
C TRP A 74 -2.71 8.36 -14.56
N ASP A 75 -2.97 9.25 -13.59
CA ASP A 75 -1.96 10.23 -13.18
C ASP A 75 -0.89 9.65 -12.27
N GLY A 76 -0.91 8.35 -12.00
CA GLY A 76 0.11 7.72 -11.19
C GLY A 76 -0.05 7.89 -9.70
N GLN A 77 -1.16 8.47 -9.24
CA GLN A 77 -1.43 8.64 -7.82
C GLN A 77 -2.31 7.50 -7.35
N THR A 78 -1.81 6.72 -6.39
CA THR A 78 -2.58 5.60 -5.86
C THR A 78 -3.76 6.11 -5.06
N ARG A 79 -4.95 5.63 -5.39
CA ARG A 79 -6.18 5.97 -4.69
C ARG A 79 -6.83 4.72 -4.14
N ASP A 80 -7.69 4.91 -3.14
CA ASP A 80 -8.25 3.76 -2.41
C ASP A 80 -9.13 2.88 -3.30
N ILE A 81 -9.56 3.37 -4.46
CA ILE A 81 -10.39 2.59 -5.37
C ILE A 81 -9.48 2.00 -6.44
N ALA A 82 -9.36 0.67 -6.45
CA ALA A 82 -8.38 0.01 -7.31
C ALA A 82 -8.65 0.29 -8.78
N THR A 83 -9.92 0.24 -9.19
CA THR A 83 -10.23 0.44 -10.61
C THR A 83 -9.85 1.83 -11.10
N TRP A 84 -9.67 2.80 -10.20
CA TRP A 84 -9.28 4.14 -10.60
C TRP A 84 -7.80 4.26 -10.92
N ASN A 85 -6.97 3.38 -10.37
CA ASN A 85 -5.54 3.37 -10.64
C ASN A 85 -5.26 2.64 -11.96
N ARG A 86 -5.77 3.23 -13.04
CA ARG A 86 -5.89 2.54 -14.31
C ARG A 86 -6.18 3.57 -15.40
N ASP A 87 -5.80 3.22 -16.62
CA ASP A 87 -6.21 4.02 -17.78
C ASP A 87 -7.68 3.77 -18.08
N HIS A 88 -8.35 4.80 -18.61
CA HIS A 88 -9.78 4.72 -18.84
C HIS A 88 -10.16 5.48 -20.10
N ASN A 89 -11.27 5.06 -20.68
CA ASN A 89 -12.00 5.82 -21.68
C ASN A 89 -13.39 6.14 -21.12
N LEU A 90 -14.19 6.87 -21.90
CA LEU A 90 -15.48 7.32 -21.40
C LEU A 90 -16.31 6.14 -20.91
N ILE A 91 -16.24 5.00 -21.60
CA ILE A 91 -17.05 3.84 -21.23
C ILE A 91 -16.66 3.34 -19.85
N THR A 92 -15.39 2.97 -19.68
CA THR A 92 -14.94 2.43 -18.41
C THR A 92 -14.93 3.50 -17.32
N ALA A 93 -14.66 4.75 -17.68
CA ALA A 93 -14.70 5.82 -16.69
C ALA A 93 -16.08 5.96 -16.07
N MET A 94 -17.13 5.91 -16.90
CA MET A 94 -18.49 5.95 -16.37
C MET A 94 -18.86 4.65 -15.69
N LYS A 95 -18.43 3.52 -16.26
CA LYS A 95 -18.72 2.23 -15.65
C LYS A 95 -18.18 2.15 -14.22
N TYR A 96 -17.00 2.70 -13.98
CA TYR A 96 -16.33 2.60 -12.68
C TYR A 96 -16.36 3.91 -11.89
N SER A 97 -17.17 4.88 -12.31
CA SER A 97 -17.31 6.14 -11.60
C SER A 97 -15.94 6.74 -11.26
N VAL A 98 -15.11 6.88 -12.27
CA VAL A 98 -13.75 7.36 -12.09
C VAL A 98 -13.77 8.87 -11.88
N VAL A 99 -13.89 9.29 -10.61
CA VAL A 99 -13.96 10.73 -10.31
C VAL A 99 -12.77 11.48 -10.86
N PRO A 100 -11.53 11.04 -10.67
CA PRO A 100 -10.39 11.85 -11.14
C PRO A 100 -10.47 12.23 -12.60
N VAL A 101 -10.95 11.32 -13.46
CA VAL A 101 -11.03 11.62 -14.88
C VAL A 101 -12.05 12.73 -15.13
N TYR A 102 -13.17 12.72 -14.41
CA TYR A 102 -14.20 13.73 -14.62
C TYR A 102 -13.85 15.04 -13.93
N GLN A 103 -13.06 15.00 -12.86
CA GLN A 103 -12.58 16.24 -12.26
C GLN A 103 -11.71 17.01 -13.25
N GLU A 104 -10.89 16.30 -14.02
CA GLU A 104 -10.10 16.97 -15.05
C GLU A 104 -10.97 17.51 -16.17
N PHE A 105 -12.05 16.78 -16.51
CA PHE A 105 -13.02 17.31 -17.46
C PHE A 105 -13.54 18.67 -17.00
N ALA A 106 -14.02 18.73 -15.76
CA ALA A 106 -14.58 19.98 -15.25
C ALA A 106 -13.53 21.09 -15.26
N ARG A 107 -12.30 20.78 -14.85
CA ARG A 107 -11.25 21.78 -14.86
C ARG A 107 -11.04 22.33 -16.27
N GLN A 108 -11.01 21.45 -17.26
CA GLN A 108 -10.82 21.90 -18.64
C GLN A 108 -12.07 22.59 -19.17
N ILE A 109 -13.26 22.14 -18.77
CA ILE A 109 -14.50 22.79 -19.20
C ILE A 109 -14.54 24.23 -18.73
N GLY A 110 -14.27 24.45 -17.46
CA GLY A 110 -14.28 25.80 -16.90
C GLY A 110 -15.63 26.15 -16.27
N GLU A 111 -15.55 27.02 -15.26
CA GLU A 111 -16.76 27.42 -14.53
C GLU A 111 -17.79 28.03 -15.48
N ALA A 112 -17.38 29.00 -16.28
CA ALA A 112 -18.31 29.73 -17.13
C ALA A 112 -19.09 28.79 -18.03
N ARG A 113 -18.37 27.99 -18.84
CA ARG A 113 -19.05 27.08 -19.76
C ARG A 113 -19.86 26.03 -19.02
N MET A 114 -19.34 25.53 -17.90
CA MET A 114 -20.09 24.57 -17.10
C MET A 114 -21.39 25.17 -16.61
N SER A 115 -21.32 26.39 -16.06
CA SER A 115 -22.53 27.08 -15.62
C SER A 115 -23.51 27.28 -16.77
N LYS A 116 -23.03 27.88 -17.86
CA LYS A 116 -23.88 28.14 -19.02
C LYS A 116 -24.63 26.88 -19.45
N MET A 117 -23.94 25.74 -19.49
CA MET A 117 -24.55 24.53 -20.03
C MET A 117 -25.61 23.98 -19.11
N LEU A 118 -25.32 23.90 -17.80
CA LEU A 118 -26.30 23.34 -16.87
C LEU A 118 -27.60 24.13 -16.88
N HIS A 119 -27.53 25.45 -17.13
CA HIS A 119 -28.75 26.24 -17.26
C HIS A 119 -29.51 25.85 -18.51
N ALA A 120 -28.81 25.71 -19.64
CA ALA A 120 -29.45 25.24 -20.86
C ALA A 120 -30.13 23.89 -20.64
N PHE A 121 -29.48 23.00 -19.90
CA PHE A 121 -30.08 21.71 -19.57
C PHE A 121 -31.22 21.82 -18.57
N ASP A 122 -31.36 22.95 -17.89
CA ASP A 122 -32.35 23.08 -16.82
C ASP A 122 -32.07 22.05 -15.73
N TYR A 123 -30.79 21.83 -15.45
CA TYR A 123 -30.35 20.73 -14.60
C TYR A 123 -30.33 21.18 -13.15
N GLY A 124 -31.09 20.46 -12.30
CA GLY A 124 -31.11 20.75 -10.88
C GLY A 124 -31.33 22.22 -10.60
N ASN A 125 -30.70 22.71 -9.53
CA ASN A 125 -30.72 24.13 -9.22
C ASN A 125 -29.72 24.93 -10.04
N GLU A 126 -28.96 24.28 -10.92
CA GLU A 126 -28.08 24.95 -11.87
C GLU A 126 -27.01 25.79 -11.17
N ASP A 127 -26.67 25.43 -9.93
CA ASP A 127 -25.74 26.20 -9.10
C ASP A 127 -24.43 25.43 -8.99
N ILE A 128 -23.39 25.95 -9.64
CA ILE A 128 -22.09 25.29 -9.64
C ILE A 128 -21.21 25.88 -8.54
N SER A 129 -21.83 26.55 -7.57
CA SER A 129 -21.05 27.17 -6.51
C SER A 129 -20.17 26.13 -5.81
N GLY A 130 -18.92 26.51 -5.57
CA GLY A 130 -17.93 25.64 -4.98
C GLY A 130 -16.70 25.51 -5.86
N ASN A 131 -16.00 24.40 -5.70
CA ASN A 131 -14.82 24.11 -6.50
C ASN A 131 -15.24 23.44 -7.80
N VAL A 132 -14.73 23.96 -8.92
CA VAL A 132 -15.15 23.44 -10.22
C VAL A 132 -14.87 21.96 -10.32
N ASP A 133 -13.89 21.45 -9.58
CA ASP A 133 -13.49 20.05 -9.70
C ASP A 133 -14.13 19.16 -8.64
N SER A 134 -15.21 19.61 -8.00
CA SER A 134 -15.88 18.75 -7.03
C SER A 134 -17.25 19.29 -6.59
N PHE A 135 -17.77 20.32 -7.27
CA PHE A 135 -19.03 20.91 -6.82
C PHE A 135 -20.16 19.89 -6.80
N TRP A 136 -20.11 18.88 -7.67
CA TRP A 136 -21.15 17.85 -7.68
C TRP A 136 -21.01 16.86 -6.53
N LEU A 137 -19.97 16.99 -5.70
CA LEU A 137 -19.75 16.12 -4.55
C LEU A 137 -19.87 16.85 -3.22
N ASP A 138 -19.40 18.11 -3.15
CA ASP A 138 -19.55 18.88 -1.92
C ASP A 138 -19.78 20.37 -2.22
N GLY A 139 -20.31 20.70 -3.41
CA GLY A 139 -20.64 22.07 -3.74
C GLY A 139 -22.10 22.37 -3.45
N GLY A 140 -22.64 23.34 -4.19
CA GLY A 140 -23.98 23.82 -3.93
C GLY A 140 -25.05 23.23 -4.83
N ILE A 141 -24.64 22.51 -5.88
CA ILE A 141 -25.60 21.99 -6.84
C ILE A 141 -26.49 20.95 -6.18
N ARG A 142 -27.75 20.90 -6.58
CA ARG A 142 -28.72 19.97 -6.01
C ARG A 142 -29.70 19.57 -7.10
N ILE A 143 -30.21 18.34 -7.00
CA ILE A 143 -31.19 17.85 -7.96
C ILE A 143 -32.08 16.82 -7.25
N SER A 144 -33.36 16.83 -7.59
CA SER A 144 -34.32 15.87 -7.05
C SER A 144 -34.52 14.72 -8.03
N ALA A 145 -35.14 13.65 -7.53
CA ALA A 145 -35.39 12.48 -8.37
C ALA A 145 -36.25 12.84 -9.57
N THR A 146 -37.34 13.57 -9.35
CA THR A 146 -38.19 13.98 -10.46
C THR A 146 -37.44 14.86 -11.44
N GLU A 147 -36.52 15.70 -10.95
CA GLU A 147 -35.74 16.55 -11.84
C GLU A 147 -34.80 15.72 -12.70
N GLN A 148 -34.24 14.64 -12.13
CA GLN A 148 -33.40 13.74 -12.91
C GLN A 148 -34.16 13.18 -14.09
N ILE A 149 -35.40 12.74 -13.86
CA ILE A 149 -36.20 12.15 -14.94
C ILE A 149 -36.45 13.17 -16.04
N SER A 150 -36.81 14.41 -15.67
CA SER A 150 -37.02 15.44 -16.67
C SER A 150 -35.77 15.65 -17.51
N PHE A 151 -34.59 15.49 -16.93
CA PHE A 151 -33.35 15.58 -17.68
C PHE A 151 -33.13 14.32 -18.50
N LEU A 152 -33.30 13.15 -17.89
CA LEU A 152 -33.12 11.89 -18.61
C LEU A 152 -34.04 11.82 -19.83
N ARG A 153 -35.28 12.29 -19.69
CA ARG A 153 -36.21 12.22 -20.81
C ARG A 153 -35.74 13.08 -21.98
N LYS A 154 -35.22 14.27 -21.70
CA LYS A 154 -34.68 15.10 -22.77
C LYS A 154 -33.48 14.43 -23.44
N LEU A 155 -32.68 13.72 -22.66
CA LEU A 155 -31.54 12.99 -23.23
C LEU A 155 -32.02 11.89 -24.16
N TYR A 156 -33.05 11.15 -23.75
CA TYR A 156 -33.55 10.04 -24.57
C TYR A 156 -34.03 10.54 -25.94
N HIS A 157 -34.70 11.68 -25.97
CA HIS A 157 -35.26 12.22 -27.21
C HIS A 157 -34.30 13.15 -27.92
N ASN A 158 -33.04 13.23 -27.49
CA ASN A 158 -32.04 14.06 -28.15
C ASN A 158 -32.45 15.53 -28.19
N LYS A 159 -33.26 15.97 -27.23
CA LYS A 159 -33.77 17.34 -27.21
C LYS A 159 -32.90 18.28 -26.40
N LEU A 160 -31.80 17.80 -25.81
CA LEU A 160 -30.94 18.67 -25.03
C LEU A 160 -30.12 19.57 -25.96
N HIS A 161 -29.67 20.70 -25.41
CA HIS A 161 -28.98 21.73 -26.19
C HIS A 161 -27.50 21.38 -26.38
N VAL A 162 -27.28 20.22 -26.99
CA VAL A 162 -25.96 19.78 -27.44
C VAL A 162 -26.16 18.94 -28.70
N SER A 163 -25.04 18.61 -29.35
CA SER A 163 -25.07 17.83 -30.58
C SER A 163 -25.85 16.52 -30.41
N GLU A 164 -26.40 16.00 -31.49
CA GLU A 164 -27.01 14.67 -31.42
C GLU A 164 -25.95 13.61 -31.12
N ARG A 165 -24.79 13.72 -31.76
CA ARG A 165 -23.72 12.75 -31.53
C ARG A 165 -23.35 12.68 -30.06
N SER A 166 -23.14 13.84 -29.43
CA SER A 166 -22.79 13.86 -28.02
C SER A 166 -23.79 13.08 -27.19
N GLN A 167 -25.08 13.24 -27.49
CA GLN A 167 -26.10 12.55 -26.69
C GLN A 167 -26.11 11.06 -26.98
N ARG A 168 -25.93 10.67 -28.24
CA ARG A 168 -25.87 9.25 -28.58
C ARG A 168 -24.69 8.59 -27.88
N ILE A 169 -23.55 9.26 -27.81
CA ILE A 169 -22.37 8.69 -27.16
C ILE A 169 -22.63 8.45 -25.68
N VAL A 170 -23.20 9.45 -24.99
CA VAL A 170 -23.44 9.32 -23.57
C VAL A 170 -24.44 8.20 -23.29
N LYS A 171 -25.48 8.10 -24.10
CA LYS A 171 -26.44 7.01 -23.93
C LYS A 171 -25.79 5.66 -24.13
N GLN A 172 -24.82 5.57 -25.04
CA GLN A 172 -24.04 4.35 -25.18
C GLN A 172 -23.23 4.08 -23.90
N ALA A 173 -22.58 5.11 -23.38
CA ALA A 173 -21.79 4.94 -22.17
C ALA A 173 -22.65 4.59 -20.97
N MET A 174 -23.93 5.01 -20.98
CA MET A 174 -24.82 4.69 -19.88
C MET A 174 -25.28 3.24 -19.89
N LEU A 175 -24.95 2.48 -20.94
CA LEU A 175 -25.39 1.10 -21.04
C LEU A 175 -24.93 0.32 -19.82
N THR A 176 -25.88 -0.31 -19.15
CA THR A 176 -25.62 -1.04 -17.91
C THR A 176 -26.00 -2.51 -17.99
N GLU A 177 -27.13 -2.83 -18.62
CA GLU A 177 -27.62 -4.20 -18.67
C GLU A 177 -28.54 -4.35 -19.87
N ALA A 178 -28.49 -5.53 -20.49
CA ALA A 178 -29.31 -5.79 -21.66
C ALA A 178 -29.52 -7.28 -21.80
N ASN A 179 -30.70 -7.67 -22.26
CA ASN A 179 -31.04 -9.05 -22.53
C ASN A 179 -32.25 -9.06 -23.46
N GLY A 180 -32.87 -10.23 -23.63
CA GLY A 180 -34.01 -10.34 -24.51
C GLY A 180 -35.25 -9.61 -24.05
N ASP A 181 -35.30 -9.20 -22.78
CA ASP A 181 -36.50 -8.60 -22.21
C ASP A 181 -36.43 -7.09 -22.05
N TYR A 182 -35.24 -6.53 -21.80
CA TYR A 182 -35.14 -5.10 -21.55
C TYR A 182 -33.70 -4.64 -21.75
N ILE A 183 -33.54 -3.33 -21.82
CA ILE A 183 -32.24 -2.67 -21.84
C ILE A 183 -32.26 -1.60 -20.76
N ILE A 184 -31.19 -1.51 -19.98
CA ILE A 184 -31.06 -0.50 -18.94
C ILE A 184 -29.87 0.38 -19.26
N ARG A 185 -30.11 1.68 -19.32
CA ARG A 185 -29.05 2.69 -19.42
C ARG A 185 -29.20 3.62 -18.23
N ALA A 186 -28.19 3.62 -17.35
CA ALA A 186 -28.31 4.31 -16.08
C ALA A 186 -26.93 4.72 -15.57
N LYS A 187 -26.93 5.46 -14.46
CA LYS A 187 -25.71 5.89 -13.80
C LYS A 187 -25.93 5.85 -12.29
N THR A 188 -24.98 5.27 -11.57
CA THR A 188 -25.05 5.21 -10.12
C THR A 188 -24.46 6.46 -9.49
N GLY A 189 -24.73 6.63 -8.20
CA GLY A 189 -24.19 7.75 -7.44
C GLY A 189 -24.05 7.38 -5.98
N TYR A 190 -23.07 7.99 -5.33
CA TYR A 190 -22.80 7.72 -3.92
C TYR A 190 -22.31 9.04 -3.30
N SER A 191 -23.17 9.69 -2.55
CA SER A 191 -22.87 10.98 -1.93
C SER A 191 -22.55 10.76 -0.46
N THR A 192 -21.37 11.23 -0.03
CA THR A 192 -20.90 11.01 1.33
C THR A 192 -20.34 12.24 2.02
N ARG A 193 -19.95 13.29 1.28
CA ARG A 193 -19.28 14.43 1.89
C ARG A 193 -20.23 15.33 2.65
N ILE A 194 -21.50 15.40 2.26
CA ILE A 194 -22.48 16.25 2.91
C ILE A 194 -23.67 15.39 3.30
N GLU A 195 -24.16 15.60 4.52
CA GLU A 195 -25.28 14.80 5.02
C GLU A 195 -26.58 15.22 4.34
N PRO A 196 -27.53 14.28 4.17
CA PRO A 196 -27.42 12.87 4.53
C PRO A 196 -26.68 12.03 3.49
N LYS A 197 -26.00 10.98 3.94
CA LYS A 197 -25.34 10.07 3.01
C LYS A 197 -26.38 9.27 2.24
N ILE A 198 -26.30 9.29 0.91
CA ILE A 198 -27.28 8.65 0.05
C ILE A 198 -26.58 7.92 -1.09
N GLY A 199 -27.34 7.07 -1.75
CA GLY A 199 -26.90 6.46 -3.00
C GLY A 199 -27.95 6.68 -4.07
N TRP A 200 -27.48 6.97 -5.28
CA TRP A 200 -28.35 7.26 -6.42
C TRP A 200 -28.41 6.06 -7.37
N TRP A 201 -29.50 6.02 -8.14
CA TRP A 201 -29.51 5.25 -9.38
C TRP A 201 -30.60 5.84 -10.26
N VAL A 202 -30.20 6.45 -11.37
CA VAL A 202 -31.13 7.08 -12.30
C VAL A 202 -30.86 6.54 -13.70
N GLY A 203 -31.92 6.38 -14.49
CA GLY A 203 -31.80 5.88 -15.84
C GLY A 203 -33.15 5.57 -16.44
N TRP A 204 -33.24 4.51 -17.23
CA TRP A 204 -34.52 4.09 -17.77
C TRP A 204 -34.42 2.65 -18.24
N VAL A 205 -35.59 2.06 -18.49
CA VAL A 205 -35.73 0.70 -18.98
C VAL A 205 -36.36 0.79 -20.36
N GLU A 206 -35.63 0.35 -21.39
CA GLU A 206 -36.16 0.31 -22.74
C GLU A 206 -36.85 -1.02 -22.97
N LEU A 207 -38.10 -0.95 -23.40
CA LEU A 207 -38.88 -2.12 -23.79
C LEU A 207 -39.18 -2.06 -25.28
N ASP A 208 -39.78 -3.13 -25.79
CA ASP A 208 -40.16 -3.15 -27.20
C ASP A 208 -41.10 -2.00 -27.52
N ASP A 209 -42.12 -1.80 -26.68
CA ASP A 209 -43.21 -0.88 -26.99
C ASP A 209 -43.29 0.32 -26.04
N ASN A 210 -42.32 0.50 -25.15
CA ASN A 210 -42.42 1.58 -24.18
C ASN A 210 -41.05 1.84 -23.57
N VAL A 211 -40.97 2.92 -22.80
CA VAL A 211 -39.76 3.30 -22.08
C VAL A 211 -40.16 3.73 -20.67
N TRP A 212 -39.52 3.14 -19.67
CA TRP A 212 -39.78 3.45 -18.26
C TRP A 212 -38.56 4.18 -17.71
N PHE A 213 -38.74 5.46 -17.40
CA PHE A 213 -37.70 6.23 -16.74
C PHE A 213 -37.80 6.02 -15.23
N PHE A 214 -36.65 6.00 -14.57
CA PHE A 214 -36.60 5.81 -13.13
C PHE A 214 -35.51 6.67 -12.51
N ALA A 215 -35.71 7.01 -11.24
CA ALA A 215 -34.73 7.75 -10.46
C ALA A 215 -34.97 7.44 -9.00
N MET A 216 -33.97 6.90 -8.32
CA MET A 216 -34.09 6.50 -6.93
C MET A 216 -32.90 7.02 -6.14
N ASN A 217 -33.16 7.36 -4.88
CA ASN A 217 -32.09 7.59 -3.92
C ASN A 217 -32.51 7.00 -2.59
N MET A 218 -31.52 6.60 -1.79
CA MET A 218 -31.78 5.96 -0.51
C MET A 218 -30.67 6.31 0.45
N ASP A 219 -31.00 6.30 1.74
CA ASP A 219 -30.00 6.55 2.77
C ASP A 219 -28.92 5.48 2.72
N MET A 220 -27.67 5.91 2.70
CA MET A 220 -26.52 5.02 2.58
C MET A 220 -25.53 5.36 3.68
N PRO A 221 -25.79 4.88 4.91
CA PRO A 221 -24.86 5.20 6.01
C PRO A 221 -23.50 4.56 5.85
N THR A 222 -23.42 3.42 5.17
CA THR A 222 -22.16 2.76 4.89
C THR A 222 -22.17 2.22 3.47
N SER A 223 -20.97 2.02 2.92
CA SER A 223 -20.84 1.49 1.57
C SER A 223 -21.34 0.07 1.43
N ASP A 224 -21.65 -0.61 2.55
CA ASP A 224 -22.03 -2.01 2.49
C ASP A 224 -23.36 -2.21 1.76
N GLY A 225 -24.22 -1.21 1.74
CA GLY A 225 -25.53 -1.31 1.14
C GLY A 225 -25.64 -0.76 -0.27
N LEU A 226 -24.53 -0.44 -0.93
CA LEU A 226 -24.60 0.13 -2.27
C LEU A 226 -25.33 -0.78 -3.23
N GLY A 227 -25.23 -2.10 -3.03
CA GLY A 227 -25.90 -3.03 -3.91
C GLY A 227 -27.41 -2.93 -3.89
N LEU A 228 -27.97 -2.36 -2.82
CA LEU A 228 -29.43 -2.26 -2.71
C LEU A 228 -30.01 -1.24 -3.68
N ARG A 229 -29.20 -0.28 -4.14
CA ARG A 229 -29.68 0.68 -5.13
C ARG A 229 -30.31 -0.03 -6.32
N GLN A 230 -29.60 -1.04 -6.85
CA GLN A 230 -30.14 -1.79 -7.99
C GLN A 230 -31.15 -2.83 -7.55
N ALA A 231 -30.89 -3.50 -6.43
CA ALA A 231 -31.80 -4.55 -5.97
C ALA A 231 -33.18 -3.98 -5.67
N ILE A 232 -33.25 -2.91 -4.89
CA ILE A 232 -34.53 -2.32 -4.55
C ILE A 232 -35.25 -1.84 -5.81
N THR A 233 -34.54 -1.12 -6.67
CA THR A 233 -35.15 -0.64 -7.91
C THR A 233 -35.74 -1.79 -8.71
N LYS A 234 -34.98 -2.87 -8.87
CA LYS A 234 -35.47 -4.01 -9.64
C LYS A 234 -36.65 -4.68 -8.96
N GLU A 235 -36.66 -4.73 -7.62
CA GLU A 235 -37.80 -5.32 -6.92
C GLU A 235 -39.08 -4.54 -7.17
N VAL A 236 -38.96 -3.22 -7.38
CA VAL A 236 -40.13 -2.42 -7.73
C VAL A 236 -40.53 -2.69 -9.19
N LEU A 237 -39.55 -2.78 -10.08
CA LEU A 237 -39.86 -3.06 -11.48
C LEU A 237 -40.62 -4.38 -11.62
N LYS A 238 -40.18 -5.42 -10.91
CA LYS A 238 -40.90 -6.68 -10.94
C LYS A 238 -42.32 -6.51 -10.45
N GLN A 239 -42.50 -5.76 -9.35
CA GLN A 239 -43.85 -5.56 -8.80
C GLN A 239 -44.77 -4.91 -9.82
N GLU A 240 -44.27 -3.87 -10.49
CA GLU A 240 -45.04 -3.21 -11.55
C GLU A 240 -44.98 -3.97 -12.86
N LYS A 241 -44.40 -5.18 -12.86
CA LYS A 241 -44.37 -6.04 -14.04
C LYS A 241 -43.77 -5.31 -15.23
N ILE A 242 -42.80 -4.43 -14.97
CA ILE A 242 -42.04 -3.78 -16.02
C ILE A 242 -40.94 -4.71 -16.51
N ILE A 243 -40.43 -5.59 -15.65
CA ILE A 243 -39.47 -6.61 -16.04
C ILE A 243 -39.93 -7.94 -15.45
N PRO A 244 -39.67 -9.07 -16.10
CA PRO A 244 -40.13 -10.36 -15.56
C PRO A 244 -39.53 -10.67 -14.19
N GLU B 3 23.56 14.47 16.53
CA GLU B 3 22.52 15.08 15.69
C GLU B 3 21.26 14.23 15.69
N TRP B 4 21.27 13.18 14.88
CA TRP B 4 20.14 12.26 14.78
C TRP B 4 20.59 10.86 15.17
N GLN B 5 19.61 10.02 15.48
CA GLN B 5 19.89 8.70 16.04
C GLN B 5 18.63 7.86 15.96
N GLU B 6 18.79 6.59 15.62
CA GLU B 6 17.67 5.70 15.36
C GLU B 6 17.57 4.64 16.45
N ASN B 7 16.37 4.46 16.99
CA ASN B 7 16.09 3.45 18.01
C ASN B 7 14.93 2.60 17.51
N LYS B 8 15.25 1.44 16.92
CA LYS B 8 14.22 0.56 16.38
C LYS B 8 13.39 -0.12 17.46
N SER B 9 13.82 -0.06 18.73
CA SER B 9 13.05 -0.70 19.79
C SER B 9 11.63 -0.16 19.87
N TRP B 10 11.44 1.11 19.52
CA TRP B 10 10.12 1.71 19.56
C TRP B 10 9.13 1.02 18.62
N ASN B 11 9.64 0.34 17.58
CA ASN B 11 8.73 -0.37 16.68
C ASN B 11 7.88 -1.37 17.43
N ALA B 12 8.34 -1.85 18.59
CA ALA B 12 7.52 -2.75 19.39
C ALA B 12 6.23 -2.08 19.84
N HIS B 13 6.22 -0.75 19.93
CA HIS B 13 5.00 -0.05 20.32
C HIS B 13 4.01 0.01 19.18
N PHE B 14 4.48 0.21 17.95
CA PHE B 14 3.59 0.11 16.79
C PHE B 14 3.13 -1.32 16.60
N THR B 15 4.06 -2.27 16.65
CA THR B 15 3.70 -3.67 16.82
C THR B 15 3.01 -3.86 18.18
N GLU B 16 2.40 -5.04 18.34
CA GLU B 16 1.67 -5.36 19.57
C GLU B 16 0.31 -4.68 19.50
N HIS B 17 0.29 -3.41 19.16
CA HIS B 17 -0.76 -2.92 18.29
C HIS B 17 -0.38 -3.34 16.88
N LYS B 18 -1.37 -3.45 16.00
CA LYS B 18 -1.13 -3.99 14.66
C LYS B 18 -1.04 -2.85 13.64
N SER B 19 -0.03 -2.00 13.83
CA SER B 19 0.13 -0.82 13.00
C SER B 19 1.61 -0.55 12.75
N GLN B 20 1.86 0.45 11.92
CA GLN B 20 3.20 0.88 11.54
C GLN B 20 3.24 2.40 11.51
N GLY B 21 4.37 2.97 11.88
CA GLY B 21 4.49 4.41 11.88
C GLY B 21 5.85 4.88 12.35
N VAL B 22 5.95 6.17 12.60
CA VAL B 22 7.19 6.82 13.00
C VAL B 22 6.91 7.78 14.13
N VAL B 23 7.82 7.83 15.10
CA VAL B 23 7.81 8.84 16.16
C VAL B 23 9.15 9.55 16.10
N VAL B 24 9.11 10.88 16.11
CA VAL B 24 10.31 11.71 16.03
C VAL B 24 10.35 12.59 17.28
N LEU B 25 11.40 12.47 18.07
CA LEU B 25 11.60 13.29 19.25
C LEU B 25 12.84 14.18 19.07
N TRP B 26 12.78 15.37 19.67
CA TRP B 26 13.88 16.31 19.62
C TRP B 26 14.12 16.86 21.02
N ASN B 27 15.31 16.56 21.56
CA ASN B 27 15.72 17.10 22.86
C ASN B 27 16.26 18.51 22.64
N GLU B 28 15.51 19.51 23.11
CA GLU B 28 15.89 20.89 22.85
C GLU B 28 17.20 21.26 23.54
N ASN B 29 17.34 20.89 24.82
CA ASN B 29 18.57 21.21 25.54
C ASN B 29 19.79 20.62 24.83
N LYS B 30 19.78 19.32 24.59
CA LYS B 30 20.93 18.62 24.02
C LYS B 30 20.98 18.69 22.51
N GLN B 31 19.94 19.20 21.85
CA GLN B 31 19.93 19.33 20.39
C GLN B 31 20.15 17.99 19.71
N GLN B 32 19.50 16.95 20.23
CA GLN B 32 19.60 15.61 19.70
C GLN B 32 18.23 15.17 19.18
N GLY B 33 18.24 14.38 18.11
CA GLY B 33 17.02 13.87 17.52
C GLY B 33 16.95 12.35 17.64
N PHE B 34 15.73 11.84 17.74
CA PHE B 34 15.51 10.41 17.92
C PHE B 34 14.28 9.99 17.13
N THR B 35 14.38 8.82 16.48
CA THR B 35 13.26 8.26 15.75
C THR B 35 13.46 6.76 15.59
N ASN B 36 12.37 6.05 15.33
CA ASN B 36 12.43 4.62 15.06
C ASN B 36 12.59 4.31 13.58
N ASN B 37 12.35 5.29 12.71
CA ASN B 37 12.40 5.06 11.26
C ASN B 37 12.96 6.35 10.63
N LEU B 38 14.27 6.38 10.45
CA LEU B 38 14.93 7.56 9.91
C LEU B 38 14.41 7.92 8.53
N LYS B 39 13.93 6.93 7.77
CA LYS B 39 13.42 7.21 6.43
C LYS B 39 12.00 7.79 6.48
N ARG B 40 11.08 7.09 7.15
CA ARG B 40 9.72 7.60 7.23
C ARG B 40 9.66 8.93 7.93
N ALA B 41 10.58 9.18 8.87
CA ALA B 41 10.64 10.48 9.53
C ALA B 41 10.74 11.62 8.53
N ASN B 42 11.38 11.39 7.38
CA ASN B 42 11.57 12.41 6.36
C ASN B 42 10.65 12.21 5.16
N GLN B 43 9.74 11.24 5.21
CA GLN B 43 8.74 11.09 4.16
C GLN B 43 7.62 12.10 4.38
N ALA B 44 7.24 12.80 3.32
CA ALA B 44 6.28 13.89 3.41
C ALA B 44 4.87 13.40 3.13
N PHE B 45 3.95 13.72 4.03
CA PHE B 45 2.54 13.37 3.93
C PHE B 45 1.70 14.65 3.93
N LEU B 46 0.39 14.47 3.74
CA LEU B 46 -0.52 15.60 3.81
C LEU B 46 -0.63 16.09 5.25
N PRO B 47 -0.57 17.41 5.49
CA PRO B 47 -0.66 17.89 6.88
C PRO B 47 -1.99 17.57 7.54
N ALA B 48 -3.09 17.57 6.77
CA ALA B 48 -4.42 17.35 7.36
C ALA B 48 -4.64 18.43 8.42
N SER B 49 -5.35 18.08 9.51
CA SER B 49 -5.75 19.09 10.49
C SER B 49 -4.56 19.71 11.22
N THR B 50 -3.37 19.12 11.12
CA THR B 50 -2.20 19.76 11.71
C THR B 50 -1.87 21.09 11.03
N PHE B 51 -2.46 21.35 9.87
CA PHE B 51 -2.25 22.61 9.17
C PHE B 51 -2.97 23.75 9.88
N KCX B 52 -3.81 23.42 10.84
CA KCX B 52 -4.57 24.43 11.57
CB KCX B 52 -5.65 23.77 12.42
CG KCX B 52 -6.81 23.23 11.59
CD KCX B 52 -7.82 22.49 12.45
CE KCX B 52 -9.05 22.10 11.62
NZ KCX B 52 -8.75 21.03 10.61
C KCX B 52 -3.66 25.32 12.43
O KCX B 52 -4.09 26.37 12.90
CX KCX B 52 -8.51 21.35 9.35
OQ1 KCX B 52 -8.54 22.53 8.98
OQ2 KCX B 52 -8.27 20.45 8.51
H KCX B 52 -3.96 22.62 11.11
HA KCX B 52 -5.02 25.01 10.92
HB2 KCX B 52 -6.00 24.42 13.04
HG2 KCX B 52 -7.26 23.97 11.16
HD2 KCX B 52 -8.13 23.08 13.16
HE2 KCX B 52 -9.73 21.76 12.22
N ILE B 53 -2.41 24.89 12.63
CA ILE B 53 -1.46 25.72 13.37
C ILE B 53 -1.06 26.90 12.50
N PRO B 54 -0.41 26.67 11.35
CA PRO B 54 -0.09 27.81 10.48
C PRO B 54 -1.32 28.57 10.02
N ASN B 55 -2.42 27.85 9.76
CA ASN B 55 -3.65 28.52 9.38
C ASN B 55 -4.10 29.50 10.46
N SER B 56 -4.04 29.07 11.73
CA SER B 56 -4.38 29.97 12.84
C SER B 56 -3.44 31.16 12.87
N LEU B 57 -2.13 30.90 12.78
CA LEU B 57 -1.15 31.99 12.80
C LEU B 57 -1.46 33.02 11.74
N ILE B 58 -1.70 32.57 10.50
CA ILE B 58 -1.94 33.49 9.40
C ILE B 58 -3.24 34.25 9.61
N ALA B 59 -4.30 33.56 10.02
CA ALA B 59 -5.58 34.22 10.22
C ALA B 59 -5.49 35.29 11.30
N LEU B 60 -4.80 34.99 12.41
CA LEU B 60 -4.65 35.97 13.47
C LEU B 60 -3.78 37.15 13.03
N ASP B 61 -2.64 36.86 12.40
CA ASP B 61 -1.71 37.92 12.03
C ASP B 61 -2.29 38.85 10.96
N LEU B 62 -3.28 38.39 10.21
CA LEU B 62 -3.87 39.19 9.14
C LEU B 62 -5.15 39.90 9.55
N GLY B 63 -5.67 39.63 10.75
CA GLY B 63 -6.92 40.23 11.18
C GLY B 63 -8.16 39.42 10.87
N VAL B 64 -8.03 38.34 10.09
CA VAL B 64 -9.16 37.45 9.83
C VAL B 64 -9.79 37.01 11.14
N VAL B 65 -8.96 36.73 12.14
CA VAL B 65 -9.41 36.37 13.48
C VAL B 65 -8.90 37.44 14.44
N LYS B 66 -9.82 38.09 15.14
CA LYS B 66 -9.43 39.14 16.06
C LYS B 66 -8.68 38.59 17.26
N ASP B 67 -9.18 37.51 17.85
CA ASP B 67 -8.59 36.93 19.05
C ASP B 67 -9.25 35.58 19.29
N GLU B 68 -8.85 34.93 20.38
CA GLU B 68 -9.34 33.60 20.72
C GLU B 68 -10.76 33.61 21.28
N HIS B 69 -11.41 34.76 21.34
CA HIS B 69 -12.79 34.83 21.80
C HIS B 69 -13.79 35.05 20.67
N GLN B 70 -13.33 35.42 19.48
CA GLN B 70 -14.25 35.66 18.37
C GLN B 70 -15.07 34.41 18.06
N VAL B 71 -16.37 34.59 17.96
CA VAL B 71 -17.29 33.48 17.72
C VAL B 71 -17.45 33.29 16.22
N PHE B 72 -17.35 32.05 15.77
CA PHE B 72 -17.56 31.69 14.37
C PHE B 72 -18.85 30.87 14.31
N LYS B 73 -19.92 31.51 13.86
CA LYS B 73 -21.24 30.92 13.93
C LYS B 73 -21.35 29.73 12.99
N TRP B 74 -21.98 28.65 13.48
CA TRP B 74 -22.28 27.50 12.65
C TRP B 74 -23.12 27.93 11.45
N ASP B 75 -22.73 27.49 10.25
CA ASP B 75 -23.42 27.90 9.05
C ASP B 75 -24.77 27.20 8.85
N GLY B 76 -25.18 26.34 9.79
CA GLY B 76 -26.47 25.69 9.69
C GLY B 76 -26.51 24.46 8.81
N GLN B 77 -25.36 23.98 8.34
CA GLN B 77 -25.30 22.77 7.52
C GLN B 77 -24.93 21.60 8.44
N THR B 78 -25.83 20.63 8.53
CA THR B 78 -25.59 19.46 9.38
C THR B 78 -24.48 18.60 8.77
N ARG B 79 -23.43 18.36 9.56
CA ARG B 79 -22.31 17.54 9.13
C ARG B 79 -22.19 16.32 10.05
N ASP B 80 -21.51 15.29 9.55
CA ASP B 80 -21.49 14.01 10.26
C ASP B 80 -20.75 14.10 11.60
N ILE B 81 -19.94 15.12 11.81
CA ILE B 81 -19.23 15.30 13.08
C ILE B 81 -20.11 16.19 13.97
N ALA B 82 -20.69 15.59 15.00
CA ALA B 82 -21.65 16.30 15.84
C ALA B 82 -21.08 17.61 16.37
N THR B 83 -19.89 17.56 16.96
CA THR B 83 -19.31 18.75 17.58
C THR B 83 -19.06 19.88 16.59
N TRP B 84 -19.12 19.63 15.28
CA TRP B 84 -18.96 20.69 14.30
C TRP B 84 -20.23 21.49 14.06
N ASN B 85 -21.38 20.99 14.52
CA ASN B 85 -22.67 21.66 14.30
C ASN B 85 -22.99 22.58 15.48
N ARG B 86 -22.13 23.57 15.68
CA ARG B 86 -22.27 24.53 16.78
C ARG B 86 -21.32 25.68 16.51
N ASP B 87 -21.52 26.78 17.24
CA ASP B 87 -20.59 27.90 17.17
C ASP B 87 -19.26 27.50 17.79
N HIS B 88 -18.20 28.21 17.38
CA HIS B 88 -16.86 27.90 17.85
C HIS B 88 -16.05 29.18 17.96
N ASN B 89 -15.04 29.12 18.82
CA ASN B 89 -13.95 30.09 18.86
C ASN B 89 -12.67 29.39 18.46
N LEU B 90 -11.56 30.14 18.46
CA LEU B 90 -10.29 29.55 18.05
C LEU B 90 -9.94 28.36 18.93
N ILE B 91 -10.22 28.45 20.22
CA ILE B 91 -9.88 27.37 21.15
C ILE B 91 -10.68 26.12 20.83
N THR B 92 -12.01 26.25 20.82
CA THR B 92 -12.86 25.07 20.59
C THR B 92 -12.70 24.55 19.17
N ALA B 93 -12.57 25.44 18.19
CA ALA B 93 -12.35 25.01 16.81
C ALA B 93 -11.08 24.19 16.69
N MET B 94 -10.02 24.62 17.38
N MET B 94 -10.01 24.60 17.38
CA MET B 94 -8.77 23.86 17.39
CA MET B 94 -8.78 23.81 17.35
C MET B 94 -8.92 22.56 18.16
C MET B 94 -8.93 22.54 18.16
N LYS B 95 -9.61 22.62 19.31
CA LYS B 95 -9.79 21.43 20.14
C LYS B 95 -10.51 20.32 19.38
N TYR B 96 -11.55 20.68 18.62
CA TYR B 96 -12.35 19.70 17.91
C TYR B 96 -12.03 19.64 16.43
N SER B 97 -10.94 20.27 15.99
CA SER B 97 -10.48 20.18 14.61
C SER B 97 -11.61 20.45 13.63
N VAL B 98 -12.31 21.57 13.84
CA VAL B 98 -13.48 21.91 13.07
C VAL B 98 -13.05 22.38 11.68
N VAL B 99 -12.98 21.45 10.73
CA VAL B 99 -12.54 21.79 9.38
C VAL B 99 -13.33 22.94 8.78
N PRO B 100 -14.67 22.94 8.79
CA PRO B 100 -15.40 24.01 8.10
C PRO B 100 -15.01 25.41 8.54
N VAL B 101 -14.74 25.61 9.83
CA VAL B 101 -14.35 26.93 10.31
C VAL B 101 -13.04 27.36 9.67
N TYR B 102 -12.06 26.47 9.64
CA TYR B 102 -10.76 26.82 9.07
C TYR B 102 -10.81 26.89 7.56
N GLN B 103 -11.72 26.15 6.92
CA GLN B 103 -11.91 26.30 5.48
C GLN B 103 -12.33 27.73 5.14
N GLU B 104 -13.20 28.32 5.97
CA GLU B 104 -13.58 29.71 5.75
C GLU B 104 -12.43 30.66 6.05
N PHE B 105 -11.60 30.35 7.05
CA PHE B 105 -10.40 31.13 7.27
C PHE B 105 -9.54 31.18 6.01
N ALA B 106 -9.32 30.01 5.39
CA ALA B 106 -8.47 29.95 4.22
C ALA B 106 -9.01 30.82 3.09
N ARG B 107 -10.33 30.82 2.91
CA ARG B 107 -10.91 31.63 1.83
C ARG B 107 -10.68 33.12 2.08
N GLN B 108 -10.79 33.56 3.33
CA GLN B 108 -10.59 34.97 3.62
C GLN B 108 -9.12 35.35 3.54
N ILE B 109 -8.22 34.42 3.84
CA ILE B 109 -6.79 34.68 3.68
C ILE B 109 -6.46 34.90 2.21
N GLY B 110 -6.89 33.99 1.36
CA GLY B 110 -6.65 34.09 -0.07
C GLY B 110 -5.43 33.30 -0.50
N GLU B 111 -5.43 32.89 -1.77
CA GLU B 111 -4.31 32.12 -2.31
C GLU B 111 -3.00 32.84 -2.13
N ALA B 112 -2.93 34.10 -2.58
CA ALA B 112 -1.66 34.83 -2.57
C ALA B 112 -1.07 34.91 -1.17
N ARG B 113 -1.84 35.41 -0.21
CA ARG B 113 -1.32 35.61 1.14
C ARG B 113 -0.99 34.28 1.80
N MET B 114 -1.80 33.25 1.59
CA MET B 114 -1.49 31.93 2.12
C MET B 114 -0.17 31.42 1.54
N SER B 115 -0.02 31.53 0.21
CA SER B 115 1.23 31.12 -0.42
C SER B 115 2.41 31.92 0.12
N LYS B 116 2.22 33.21 0.33
CA LYS B 116 3.30 34.07 0.81
C LYS B 116 3.76 33.67 2.21
N MET B 117 2.81 33.36 3.09
CA MET B 117 3.17 33.08 4.48
C MET B 117 3.81 31.71 4.62
N LEU B 118 3.31 30.71 3.89
CA LEU B 118 3.88 29.37 4.01
C LEU B 118 5.35 29.35 3.61
N HIS B 119 5.76 30.23 2.69
CA HIS B 119 7.18 30.34 2.38
C HIS B 119 7.94 30.98 3.53
N ALA B 120 7.40 32.05 4.11
CA ALA B 120 8.03 32.66 5.28
C ALA B 120 8.17 31.67 6.41
N PHE B 121 7.16 30.82 6.62
CA PHE B 121 7.25 29.76 7.62
C PHE B 121 8.21 28.66 7.21
N ASP B 122 8.57 28.58 5.93
CA ASP B 122 9.35 27.46 5.42
C ASP B 122 8.63 26.15 5.70
N TYR B 123 7.31 26.16 5.52
CA TYR B 123 6.44 25.06 5.93
C TYR B 123 6.34 24.04 4.80
N GLY B 124 6.68 22.79 5.10
CA GLY B 124 6.57 21.70 4.17
C GLY B 124 7.19 22.04 2.83
N ASN B 125 6.57 21.54 1.77
CA ASN B 125 7.01 21.85 0.42
C ASN B 125 6.54 23.22 -0.05
N GLU B 126 5.90 24.00 0.83
CA GLU B 126 5.44 25.34 0.51
C GLU B 126 4.53 25.35 -0.72
N ASP B 127 3.90 24.21 -1.01
CA ASP B 127 3.12 24.04 -2.23
C ASP B 127 1.65 24.16 -1.88
N ILE B 128 1.04 25.26 -2.32
CA ILE B 128 -0.37 25.53 -2.04
C ILE B 128 -1.30 25.05 -3.15
N SER B 129 -0.77 24.33 -4.15
CA SER B 129 -1.56 23.86 -5.28
C SER B 129 -2.77 23.08 -4.79
N GLY B 130 -3.91 23.34 -5.41
CA GLY B 130 -5.17 22.72 -5.05
C GLY B 130 -6.19 23.78 -4.74
N ASN B 131 -7.32 23.32 -4.21
CA ASN B 131 -8.38 24.22 -3.82
C ASN B 131 -7.98 24.98 -2.57
N VAL B 132 -8.18 26.30 -2.57
CA VAL B 132 -7.72 27.12 -1.46
C VAL B 132 -8.33 26.65 -0.14
N ASP B 133 -9.52 26.05 -0.19
CA ASP B 133 -10.22 25.64 1.02
C ASP B 133 -10.09 24.14 1.31
N SER B 134 -9.10 23.47 0.71
CA SER B 134 -8.95 22.04 0.92
C SER B 134 -7.53 21.53 0.64
N PHE B 135 -6.61 22.41 0.24
CA PHE B 135 -5.32 21.93 -0.23
C PHE B 135 -4.59 21.13 0.85
N TRP B 136 -4.81 21.47 2.13
CA TRP B 136 -4.18 20.72 3.21
C TRP B 136 -4.84 19.36 3.44
N LEU B 137 -5.97 19.10 2.79
CA LEU B 137 -6.65 17.81 2.89
C LEU B 137 -6.51 16.95 1.65
N ASP B 138 -6.44 17.56 0.46
CA ASP B 138 -6.28 16.80 -0.78
C ASP B 138 -5.56 17.60 -1.87
N GLY B 139 -4.80 18.63 -1.50
CA GLY B 139 -4.01 19.39 -2.44
C GLY B 139 -2.59 18.89 -2.53
N GLY B 140 -1.68 19.79 -2.91
CA GLY B 140 -0.33 19.40 -3.20
C GLY B 140 0.65 19.59 -2.06
N ILE B 141 0.22 20.25 -0.97
CA ILE B 141 1.13 20.52 0.13
C ILE B 141 1.52 19.22 0.81
N ARG B 142 2.77 19.12 1.22
CA ARG B 142 3.29 17.94 1.90
C ARG B 142 4.27 18.39 2.97
N ILE B 143 4.41 17.58 4.02
CA ILE B 143 5.32 17.89 5.11
C ILE B 143 5.69 16.59 5.82
N SER B 144 6.93 16.49 6.25
CA SER B 144 7.44 15.33 6.95
C SER B 144 7.46 15.57 8.46
N ALA B 145 7.62 14.49 9.21
CA ALA B 145 7.65 14.60 10.67
C ALA B 145 8.77 15.52 11.13
N THR B 146 9.96 15.38 10.54
CA THR B 146 11.08 16.23 10.95
C THR B 146 10.82 17.70 10.61
N GLU B 147 10.16 17.95 9.47
CA GLU B 147 9.83 19.32 9.11
C GLU B 147 8.79 19.92 10.05
N GLN B 148 7.88 19.09 10.56
CA GLN B 148 6.95 19.54 11.59
C GLN B 148 7.71 20.07 12.80
N ILE B 149 8.71 19.31 13.25
CA ILE B 149 9.49 19.71 14.41
C ILE B 149 10.20 21.04 14.14
N SER B 150 10.83 21.17 12.97
CA SER B 150 11.49 22.42 12.63
C SER B 150 10.51 23.59 12.70
N PHE B 151 9.28 23.38 12.25
CA PHE B 151 8.26 24.42 12.36
C PHE B 151 7.80 24.60 13.80
N LEU B 152 7.56 23.49 14.51
CA LEU B 152 7.16 23.58 15.90
C LEU B 152 8.22 24.23 16.76
N ARG B 153 9.51 24.04 16.43
CA ARG B 153 10.56 24.66 17.21
C ARG B 153 10.57 26.18 17.01
N LYS B 154 10.33 26.65 15.79
CA LYS B 154 10.27 28.08 15.55
C LYS B 154 9.10 28.70 16.30
N LEU B 155 7.96 28.01 16.32
CA LEU B 155 6.78 28.52 17.01
C LEU B 155 7.06 28.69 18.51
N TYR B 156 7.75 27.72 19.11
CA TYR B 156 8.04 27.80 20.54
C TYR B 156 8.82 29.06 20.87
N HIS B 157 9.84 29.38 20.07
CA HIS B 157 10.72 30.51 20.33
C HIS B 157 10.21 31.81 19.74
N ASN B 158 8.99 31.84 19.22
CA ASN B 158 8.40 33.05 18.66
C ASN B 158 9.26 33.62 17.53
N LYS B 159 9.87 32.72 16.74
CA LYS B 159 10.76 33.13 15.67
C LYS B 159 10.11 33.12 14.28
N LEU B 160 8.87 32.65 14.17
CA LEU B 160 8.17 32.71 12.91
C LEU B 160 7.88 34.17 12.53
N HIS B 161 7.74 34.40 11.22
CA HIS B 161 7.57 35.76 10.70
C HIS B 161 6.12 36.22 10.82
N VAL B 162 5.64 36.19 12.06
CA VAL B 162 4.36 36.80 12.44
C VAL B 162 4.55 37.39 13.83
N SER B 163 3.60 38.23 14.23
CA SER B 163 3.71 38.92 15.50
C SER B 163 3.83 37.92 16.65
N GLU B 164 4.43 38.38 17.74
CA GLU B 164 4.53 37.55 18.95
C GLU B 164 3.15 37.21 19.48
N ARG B 165 2.24 38.19 19.50
CA ARG B 165 0.88 37.95 19.95
C ARG B 165 0.24 36.78 19.19
N SER B 166 0.34 36.80 17.86
CA SER B 166 -0.23 35.73 17.05
C SER B 166 0.31 34.38 17.48
N GLN B 167 1.60 34.30 17.76
CA GLN B 167 2.21 33.02 18.12
C GLN B 167 1.81 32.59 19.52
N ARG B 168 1.75 33.54 20.46
CA ARG B 168 1.32 33.20 21.82
C ARG B 168 -0.11 32.68 21.82
N ILE B 169 -0.99 33.30 21.04
CA ILE B 169 -2.39 32.86 21.01
C ILE B 169 -2.48 31.42 20.52
N VAL B 170 -1.75 31.11 19.44
CA VAL B 170 -1.83 29.76 18.88
C VAL B 170 -1.30 28.74 19.86
N LYS B 171 -0.21 29.08 20.56
CA LYS B 171 0.34 28.15 21.55
C LYS B 171 -0.64 27.94 22.69
N GLN B 172 -1.44 28.94 23.04
CA GLN B 172 -2.53 28.74 23.99
C GLN B 172 -3.56 27.79 23.41
N ALA B 173 -3.97 28.01 22.17
CA ALA B 173 -4.97 27.16 21.53
C ALA B 173 -4.49 25.72 21.39
N MET B 174 -3.18 25.52 21.28
CA MET B 174 -2.64 24.17 21.16
C MET B 174 -2.67 23.40 22.46
N LEU B 175 -3.08 24.00 23.57
CA LEU B 175 -3.04 23.34 24.86
C LEU B 175 -3.89 22.08 24.84
N THR B 176 -3.26 20.95 25.14
CA THR B 176 -3.94 19.65 25.12
C THR B 176 -4.02 19.00 26.50
N GLU B 177 -2.94 19.04 27.27
CA GLU B 177 -2.92 18.36 28.56
C GLU B 177 -1.87 19.03 29.44
N ALA B 178 -2.15 19.08 30.73
CA ALA B 178 -1.23 19.70 31.68
C ALA B 178 -1.46 19.13 33.07
N ASN B 179 -0.37 18.96 33.81
CA ASN B 179 -0.44 18.52 35.21
C ASN B 179 0.87 18.96 35.88
N GLY B 180 1.12 18.42 37.08
CA GLY B 180 2.30 18.79 37.82
C GLY B 180 3.59 18.33 37.20
N ASP B 181 3.53 17.38 36.26
CA ASP B 181 4.74 16.78 35.69
C ASP B 181 5.10 17.32 34.31
N TYR B 182 4.12 17.69 33.49
CA TYR B 182 4.41 18.16 32.14
C TYR B 182 3.25 18.98 31.62
N ILE B 183 3.50 19.64 30.49
CA ILE B 183 2.47 20.33 29.72
C ILE B 183 2.66 19.94 28.26
N ILE B 184 1.55 19.56 27.61
CA ILE B 184 1.57 19.16 26.21
C ILE B 184 0.78 20.17 25.41
N ARG B 185 1.42 20.73 24.38
CA ARG B 185 0.76 21.58 23.40
C ARG B 185 0.96 20.91 22.05
N ALA B 186 -0.13 20.49 21.42
CA ALA B 186 -0.05 19.66 20.22
C ALA B 186 -1.32 19.84 19.40
N LYS B 187 -1.34 19.18 18.24
CA LYS B 187 -2.50 19.17 17.36
C LYS B 187 -2.57 17.83 16.65
N THR B 188 -3.77 17.28 16.56
CA THR B 188 -3.99 16.01 15.89
C THR B 188 -4.27 16.22 14.41
N GLY B 189 -4.22 15.12 13.66
CA GLY B 189 -4.52 15.16 12.24
C GLY B 189 -4.96 13.79 11.75
N TYR B 190 -5.81 13.81 10.73
CA TYR B 190 -6.40 12.57 10.22
C TYR B 190 -6.59 12.75 8.71
N SER B 191 -5.70 12.14 7.93
CA SER B 191 -5.72 12.27 6.48
C SER B 191 -6.36 11.02 5.86
N THR B 192 -7.35 11.24 5.00
CA THR B 192 -8.04 10.14 4.33
C THR B 192 -8.27 10.36 2.85
N ARG B 193 -8.27 11.61 2.36
CA ARG B 193 -8.65 11.85 0.97
C ARG B 193 -7.60 11.33 -0.01
N ILE B 194 -6.34 11.24 0.42
CA ILE B 194 -5.26 10.76 -0.43
C ILE B 194 -4.56 9.61 0.28
N GLU B 195 -4.29 8.53 -0.45
CA GLU B 195 -3.55 7.43 0.13
C GLU B 195 -2.08 7.82 0.30
N PRO B 196 -1.41 7.30 1.35
CA PRO B 196 -1.94 6.37 2.36
C PRO B 196 -2.73 7.09 3.45
N LYS B 197 -3.73 6.41 4.01
CA LYS B 197 -4.46 6.95 5.15
C LYS B 197 -3.56 6.95 6.38
N ILE B 198 -3.43 8.12 7.03
CA ILE B 198 -2.56 8.26 8.18
C ILE B 198 -3.23 9.15 9.22
N GLY B 199 -2.70 9.08 10.44
CA GLY B 199 -3.07 10.01 11.50
C GLY B 199 -1.84 10.73 12.01
N TRP B 200 -2.02 11.99 12.37
CA TRP B 200 -0.92 12.82 12.84
C TRP B 200 -1.03 13.09 14.33
N TRP B 201 0.11 13.44 14.94
CA TRP B 201 0.12 14.12 16.22
C TRP B 201 1.47 14.79 16.37
N VAL B 202 1.48 16.11 16.42
CA VAL B 202 2.72 16.88 16.49
C VAL B 202 2.56 17.95 17.57
N GLY B 203 3.66 18.23 18.28
CA GLY B 203 3.65 19.23 19.32
C GLY B 203 4.93 19.24 20.12
N TRP B 204 4.82 19.37 21.45
CA TRP B 204 6.00 19.30 22.29
C TRP B 204 5.56 19.11 23.74
N VAL B 205 6.50 18.61 24.54
CA VAL B 205 6.29 18.40 25.97
C VAL B 205 7.12 19.43 26.71
N GLU B 206 6.46 20.28 27.48
CA GLU B 206 7.15 21.26 28.31
C GLU B 206 7.47 20.65 29.66
N LEU B 207 8.73 20.72 30.06
CA LEU B 207 9.20 20.29 31.36
C LEU B 207 9.76 21.49 32.11
N ASP B 208 10.12 21.26 33.38
CA ASP B 208 10.68 22.34 34.17
C ASP B 208 11.97 22.87 33.56
N ASP B 209 12.85 21.98 33.11
CA ASP B 209 14.19 22.35 32.68
C ASP B 209 14.52 21.94 31.25
N ASN B 210 13.52 21.57 30.44
CA ASN B 210 13.80 21.13 29.09
C ASN B 210 12.49 21.08 28.31
N VAL B 211 12.61 20.91 26.98
CA VAL B 211 11.48 20.80 26.09
C VAL B 211 11.74 19.65 25.13
N TRP B 212 10.77 18.76 24.97
CA TRP B 212 10.83 17.66 24.02
C TRP B 212 9.79 17.90 22.94
N PHE B 213 10.25 18.20 21.73
CA PHE B 213 9.36 18.30 20.58
C PHE B 213 9.10 16.91 20.02
N PHE B 214 7.90 16.72 19.46
CA PHE B 214 7.53 15.44 18.91
C PHE B 214 6.67 15.62 17.67
N ALA B 215 6.74 14.64 16.78
CA ALA B 215 5.92 14.62 15.57
C ALA B 215 5.82 13.18 15.12
N MET B 216 4.60 12.64 15.04
CA MET B 216 4.38 11.26 14.69
C MET B 216 3.31 11.16 13.62
N ASN B 217 3.40 10.10 12.80
CA ASN B 217 2.32 9.74 11.92
C ASN B 217 2.28 8.22 11.80
N MET B 218 1.10 7.67 11.61
CA MET B 218 0.91 6.23 11.56
C MET B 218 -0.19 5.91 10.57
N ASP B 219 -0.08 4.74 9.93
CA ASP B 219 -1.13 4.28 9.03
C ASP B 219 -2.44 4.18 9.80
N MET B 220 -3.49 4.80 9.26
CA MET B 220 -4.81 4.84 9.89
C MET B 220 -5.83 4.30 8.89
N PRO B 221 -5.88 2.98 8.71
CA PRO B 221 -6.83 2.43 7.74
C PRO B 221 -8.28 2.65 8.12
N THR B 222 -8.60 2.77 9.41
CA THR B 222 -9.96 3.05 9.85
C THR B 222 -9.90 3.98 11.05
N SER B 223 -10.99 4.73 11.24
CA SER B 223 -11.05 5.74 12.28
C SER B 223 -11.02 5.14 13.68
N ASP B 224 -11.19 3.83 13.82
CA ASP B 224 -11.25 3.22 15.14
C ASP B 224 -9.91 3.26 15.87
N GLY B 225 -8.80 3.40 15.13
CA GLY B 225 -7.48 3.39 15.74
C GLY B 225 -6.91 4.78 15.95
N LEU B 226 -7.76 5.80 16.02
CA LEU B 226 -7.27 7.16 16.20
C LEU B 226 -6.65 7.36 17.58
N GLY B 227 -7.13 6.63 18.58
CA GLY B 227 -6.59 6.76 19.93
C GLY B 227 -5.16 6.32 20.06
N LEU B 228 -4.62 5.59 19.08
CA LEU B 228 -3.25 5.11 19.15
C LEU B 228 -2.23 6.21 18.88
N ARG B 229 -2.63 7.27 18.18
CA ARG B 229 -1.73 8.40 17.96
C ARG B 229 -1.17 8.89 19.28
N GLN B 230 -2.05 9.18 20.25
CA GLN B 230 -1.60 9.63 21.56
C GLN B 230 -1.03 8.49 22.39
N ALA B 231 -1.65 7.31 22.32
CA ALA B 231 -1.22 6.19 23.16
C ALA B 231 0.19 5.74 22.79
N ILE B 232 0.46 5.58 21.49
CA ILE B 232 1.78 5.14 21.06
C ILE B 232 2.83 6.19 21.42
N THR B 233 2.53 7.45 21.14
CA THR B 233 3.49 8.52 21.43
C THR B 233 3.86 8.55 22.91
N LYS B 234 2.86 8.39 23.79
CA LYS B 234 3.14 8.44 25.23
C LYS B 234 3.96 7.23 25.68
N GLU B 235 3.73 6.06 25.07
CA GLU B 235 4.54 4.89 25.42
C GLU B 235 6.00 5.12 25.06
N VAL B 236 6.26 5.83 23.95
CA VAL B 236 7.63 6.19 23.61
C VAL B 236 8.18 7.19 24.63
N LEU B 237 7.36 8.16 25.04
CA LEU B 237 7.80 9.11 26.05
C LEU B 237 8.06 8.41 27.38
N LYS B 238 7.19 7.49 27.78
CA LYS B 238 7.41 6.74 29.01
C LYS B 238 8.69 5.92 28.92
N GLN B 239 8.91 5.25 27.78
CA GLN B 239 10.11 4.45 27.62
C GLN B 239 11.36 5.31 27.79
N GLU B 240 11.39 6.47 27.15
CA GLU B 240 12.51 7.39 27.27
C GLU B 240 12.47 8.20 28.56
N LYS B 241 11.55 7.87 29.47
CA LYS B 241 11.49 8.50 30.79
C LYS B 241 11.34 10.02 30.66
N ILE B 242 10.55 10.46 29.69
CA ILE B 242 10.21 11.87 29.57
C ILE B 242 8.96 12.19 30.37
N ILE B 243 8.07 11.22 30.57
CA ILE B 243 6.89 11.41 31.41
C ILE B 243 6.72 10.18 32.29
N PRO B 244 6.14 10.37 33.49
CA PRO B 244 5.94 9.21 34.36
C PRO B 244 5.06 8.14 33.73
N GLU C 3 24.36 13.90 10.05
CA GLU C 3 23.47 15.02 9.81
C GLU C 3 23.54 15.49 8.36
N TRP C 4 22.78 16.53 8.05
CA TRP C 4 22.77 17.15 6.73
C TRP C 4 23.19 18.61 6.85
N GLN C 5 23.38 19.24 5.69
CA GLN C 5 23.92 20.59 5.65
C GLN C 5 23.71 21.15 4.26
N GLU C 6 23.25 22.40 4.19
CA GLU C 6 22.82 23.00 2.94
C GLU C 6 23.86 23.98 2.42
N ASN C 7 24.08 23.95 1.11
CA ASN C 7 25.05 24.82 0.43
C ASN C 7 24.35 25.44 -0.78
N LYS C 8 23.75 26.62 -0.58
CA LYS C 8 23.06 27.30 -1.67
C LYS C 8 23.98 27.68 -2.82
N SER C 9 25.30 27.61 -2.63
CA SER C 9 26.21 28.07 -3.66
C SER C 9 26.18 27.19 -4.89
N TRP C 10 25.85 25.90 -4.74
CA TRP C 10 25.76 25.02 -5.89
C TRP C 10 24.68 25.46 -6.86
N ASN C 11 23.68 26.22 -6.41
CA ASN C 11 22.64 26.69 -7.31
C ASN C 11 23.22 27.47 -8.48
N ALA C 12 24.37 28.11 -8.29
CA ALA C 12 25.00 28.83 -9.39
C ALA C 12 25.24 27.92 -10.60
N HIS C 13 25.53 26.64 -10.36
CA HIS C 13 25.74 25.71 -11.47
C HIS C 13 24.44 25.46 -12.22
N PHE C 14 23.32 25.35 -11.50
CA PHE C 14 22.04 25.15 -12.16
C PHE C 14 21.62 26.40 -12.93
N THR C 15 21.72 27.57 -12.29
CA THR C 15 21.34 28.81 -12.96
C THR C 15 22.25 29.12 -14.13
N GLU C 16 23.53 28.71 -14.06
CA GLU C 16 24.44 28.88 -15.18
C GLU C 16 23.90 28.21 -16.43
N HIS C 17 23.10 27.15 -16.27
CA HIS C 17 22.51 26.42 -17.39
C HIS C 17 21.01 26.62 -17.50
N LYS C 18 20.49 27.72 -16.91
CA LYS C 18 19.09 28.09 -17.05
C LYS C 18 18.14 26.95 -16.68
N SER C 19 18.59 26.06 -15.79
CA SER C 19 17.76 24.99 -15.25
C SER C 19 17.81 25.05 -13.73
N GLN C 20 17.10 24.13 -13.08
CA GLN C 20 17.11 24.07 -11.63
C GLN C 20 16.89 22.62 -11.20
N GLY C 21 17.50 22.26 -10.08
CA GLY C 21 17.40 20.91 -9.57
C GLY C 21 18.05 20.78 -8.21
N VAL C 22 18.52 19.58 -7.88
CA VAL C 22 19.15 19.32 -6.60
C VAL C 22 20.30 18.34 -6.78
N VAL C 23 21.38 18.54 -6.03
CA VAL C 23 22.48 17.61 -5.93
C VAL C 23 22.64 17.24 -4.46
N VAL C 24 22.79 15.95 -4.18
CA VAL C 24 22.89 15.44 -2.82
C VAL C 24 24.14 14.57 -2.74
N LEU C 25 25.10 14.97 -1.90
CA LEU C 25 26.33 14.21 -1.69
C LEU C 25 26.34 13.64 -0.28
N TRP C 26 27.02 12.50 -0.13
CA TRP C 26 27.16 11.86 1.17
C TRP C 26 28.60 11.39 1.35
N ASN C 27 29.28 11.96 2.33
CA ASN C 27 30.66 11.57 2.66
C ASN C 27 30.62 10.34 3.56
N GLU C 28 31.03 9.19 3.02
CA GLU C 28 30.93 7.95 3.78
C GLU C 28 31.84 7.98 5.01
N ASN C 29 33.07 8.46 4.86
CA ASN C 29 33.98 8.52 6.00
C ASN C 29 33.38 9.32 7.15
N LYS C 30 33.05 10.59 6.88
CA LYS C 30 32.56 11.49 7.92
C LYS C 30 31.09 11.28 8.24
N GLN C 31 30.36 10.49 7.46
CA GLN C 31 28.93 10.27 7.67
C GLN C 31 28.18 11.61 7.67
N GLN C 32 28.47 12.43 6.66
CA GLN C 32 27.86 13.74 6.51
C GLN C 32 27.27 13.88 5.12
N GLY C 33 26.16 14.59 5.04
CA GLY C 33 25.49 14.84 3.77
C GLY C 33 25.51 16.31 3.42
N PHE C 34 25.45 16.58 2.12
CA PHE C 34 25.47 17.95 1.62
C PHE C 34 24.51 18.06 0.44
N THR C 35 23.80 19.18 0.37
CA THR C 35 22.87 19.42 -0.72
C THR C 35 22.66 20.92 -0.87
N ASN C 36 22.17 21.31 -2.04
CA ASN C 36 21.82 22.70 -2.29
C ASN C 36 20.36 23.01 -1.94
N ASN C 37 19.55 21.99 -1.68
CA ASN C 37 18.13 22.19 -1.43
C ASN C 37 17.64 20.98 -0.61
N LEU C 38 17.66 21.14 0.71
CA LEU C 38 17.26 20.03 1.58
C LEU C 38 15.83 19.61 1.31
N LYS C 39 14.95 20.54 0.93
CA LYS C 39 13.56 20.19 0.67
C LYS C 39 13.46 19.29 -0.55
N ARG C 40 13.99 19.73 -1.70
CA ARG C 40 13.93 18.89 -2.89
C ARG C 40 14.76 17.63 -2.73
N ALA C 41 15.80 17.67 -1.91
CA ALA C 41 16.57 16.46 -1.64
C ALA C 41 15.71 15.35 -1.06
N ASN C 42 14.64 15.72 -0.35
CA ASN C 42 13.71 14.76 0.23
C ASN C 42 12.41 14.67 -0.55
N GLN C 43 12.30 15.34 -1.69
CA GLN C 43 11.11 15.25 -2.52
C GLN C 43 11.14 13.97 -3.34
N ALA C 44 10.11 13.15 -3.22
CA ALA C 44 10.07 11.85 -3.88
C ALA C 44 9.48 11.98 -5.28
N PHE C 45 10.20 11.49 -6.27
CA PHE C 45 9.76 11.48 -7.65
C PHE C 45 9.68 10.04 -8.16
N LEU C 46 9.16 9.89 -9.38
CA LEU C 46 9.22 8.61 -10.05
C LEU C 46 10.68 8.21 -10.25
N PRO C 47 11.07 6.98 -9.94
CA PRO C 47 12.47 6.59 -10.14
C PRO C 47 12.87 6.53 -11.61
N ALA C 48 11.97 6.11 -12.48
CA ALA C 48 12.25 5.99 -13.92
C ALA C 48 13.41 4.99 -14.08
N SER C 49 14.34 5.23 -15.01
CA SER C 49 15.35 4.22 -15.33
C SER C 49 16.31 3.96 -14.17
N THR C 50 16.36 4.84 -13.16
CA THR C 50 17.16 4.54 -11.98
C THR C 50 16.66 3.28 -11.27
N PHE C 51 15.44 2.86 -11.56
CA PHE C 51 14.88 1.65 -10.97
C PHE C 51 15.54 0.39 -11.55
N KCX C 52 16.36 0.56 -12.59
CA KCX C 52 17.05 -0.56 -13.20
CB KCX C 52 17.71 -0.14 -14.50
CG KCX C 52 16.74 -0.07 -15.69
CD KCX C 52 17.43 0.39 -16.96
CE KCX C 52 16.46 0.41 -18.14
NZ KCX C 52 15.42 1.47 -18.00
C KCX C 52 18.07 -1.18 -12.25
O KCX C 52 18.50 -2.33 -12.45
CX KCX C 52 14.22 1.20 -17.48
OQ1 KCX C 52 13.38 2.12 -17.38
OQ2 KCX C 52 13.94 0.07 -17.09
H KCX C 52 16.54 1.33 -12.95
HA KCX C 52 16.38 -1.25 -13.40
HB2 KCX C 52 18.42 -0.78 -14.73
HG2 KCX C 52 16.38 -0.96 -15.85
HD2 KCX C 52 17.76 1.29 -16.83
HE2 KCX C 52 16.01 -0.45 -18.19
N ILE C 53 18.46 -0.45 -11.21
CA ILE C 53 19.37 -0.98 -10.21
C ILE C 53 18.66 -2.07 -9.38
N PRO C 54 17.59 -1.71 -8.67
CA PRO C 54 16.87 -2.75 -7.91
C PRO C 54 16.25 -3.80 -8.81
N ASN C 55 15.83 -3.43 -10.02
CA ASN C 55 15.30 -4.41 -10.96
C ASN C 55 16.37 -5.45 -11.32
N SER C 56 17.59 -4.99 -11.60
CA SER C 56 18.68 -5.92 -11.90
C SER C 56 18.96 -6.83 -10.71
N LEU C 57 19.02 -6.26 -9.51
CA LEU C 57 19.28 -7.06 -8.31
C LEU C 57 18.26 -8.18 -8.17
N ILE C 58 16.98 -7.87 -8.37
CA ILE C 58 15.92 -8.86 -8.17
C ILE C 58 15.99 -9.92 -9.27
N ALA C 59 16.14 -9.48 -10.52
CA ALA C 59 16.19 -10.44 -11.63
C ALA C 59 17.33 -11.43 -11.44
N LEU C 60 18.51 -10.94 -11.05
CA LEU C 60 19.66 -11.82 -10.85
C LEU C 60 19.40 -12.79 -9.70
N ASP C 61 18.97 -12.27 -8.55
CA ASP C 61 18.82 -13.11 -7.36
C ASP C 61 17.74 -14.16 -7.54
N LEU C 62 16.79 -13.96 -8.44
CA LEU C 62 15.72 -14.93 -8.68
C LEU C 62 16.02 -15.90 -9.82
N GLY C 63 17.07 -15.65 -10.59
CA GLY C 63 17.39 -16.49 -11.72
C GLY C 63 16.83 -16.00 -13.04
N VAL C 64 16.00 -14.95 -13.03
CA VAL C 64 15.51 -14.37 -14.28
C VAL C 64 16.67 -13.99 -15.17
N VAL C 65 17.80 -13.61 -14.58
CA VAL C 65 19.04 -13.34 -15.29
C VAL C 65 20.11 -14.26 -14.75
N LYS C 66 20.72 -15.06 -15.64
CA LYS C 66 21.72 -16.01 -15.20
C LYS C 66 23.02 -15.30 -14.82
N ASP C 67 23.53 -14.45 -15.69
CA ASP C 67 24.75 -13.69 -15.42
C ASP C 67 24.80 -12.51 -16.38
N GLU C 68 25.88 -11.73 -16.27
CA GLU C 68 26.02 -10.52 -17.07
C GLU C 68 26.27 -10.80 -18.54
N HIS C 69 26.39 -12.08 -18.94
CA HIS C 69 26.63 -12.43 -20.33
C HIS C 69 25.37 -12.94 -21.04
N GLN C 70 24.35 -13.37 -20.29
CA GLN C 70 23.13 -13.86 -20.91
C GLN C 70 22.59 -12.83 -21.90
N VAL C 71 22.26 -13.32 -23.10
CA VAL C 71 21.78 -12.46 -24.18
C VAL C 71 20.26 -12.43 -24.13
N PHE C 72 19.69 -11.23 -24.27
CA PHE C 72 18.24 -11.03 -24.34
C PHE C 72 17.94 -10.44 -25.71
N LYS C 73 17.49 -11.30 -26.62
CA LYS C 73 17.39 -10.94 -28.03
C LYS C 73 16.34 -9.85 -28.25
N TRP C 74 16.61 -9.00 -29.24
CA TRP C 74 15.66 -7.99 -29.66
C TRP C 74 14.36 -8.63 -30.13
N ASP C 75 13.23 -8.03 -29.78
CA ASP C 75 11.93 -8.57 -30.14
C ASP C 75 11.51 -8.20 -31.56
N GLY C 76 12.28 -7.35 -32.25
CA GLY C 76 11.96 -6.98 -33.62
C GLY C 76 11.15 -5.72 -33.78
N GLN C 77 10.72 -5.09 -32.69
CA GLN C 77 9.92 -3.87 -32.76
C GLN C 77 10.85 -2.66 -32.86
N THR C 78 10.68 -1.89 -33.93
CA THR C 78 11.49 -0.69 -34.13
C THR C 78 10.97 0.41 -33.21
N ARG C 79 11.85 0.90 -32.32
CA ARG C 79 11.50 1.93 -31.36
C ARG C 79 12.33 3.18 -31.63
N ASP C 80 11.89 4.30 -31.05
CA ASP C 80 12.48 5.59 -31.37
C ASP C 80 13.93 5.70 -30.94
N ILE C 81 14.40 4.81 -30.06
CA ILE C 81 15.79 4.79 -29.62
C ILE C 81 16.49 3.66 -30.37
N ALA C 82 17.46 4.03 -31.21
CA ALA C 82 18.12 3.03 -32.05
C ALA C 82 18.81 1.96 -31.23
N THR C 83 19.47 2.35 -30.13
CA THR C 83 20.24 1.39 -29.35
C THR C 83 19.36 0.32 -28.73
N TRP C 84 18.05 0.55 -28.62
CA TRP C 84 17.15 -0.47 -28.08
C TRP C 84 16.83 -1.57 -29.08
N ASN C 85 17.12 -1.35 -30.36
CA ASN C 85 16.75 -2.30 -31.41
C ASN C 85 17.95 -3.19 -31.76
N ARG C 86 18.34 -4.00 -30.78
CA ARG C 86 19.44 -4.94 -30.94
C ARG C 86 19.48 -5.82 -29.69
N ASP C 87 20.22 -6.92 -29.80
CA ASP C 87 20.41 -7.79 -28.66
C ASP C 87 21.20 -7.06 -27.57
N HIS C 88 21.01 -7.52 -26.33
CA HIS C 88 21.65 -6.87 -25.19
C HIS C 88 21.96 -7.91 -24.11
N ASN C 89 22.92 -7.57 -23.26
CA ASN C 89 23.14 -8.25 -22.00
C ASN C 89 22.96 -7.25 -20.86
N LEU C 90 23.14 -7.72 -19.63
CA LEU C 90 22.91 -6.85 -18.48
C LEU C 90 23.75 -5.59 -18.57
N ILE C 91 25.02 -5.72 -18.98
CA ILE C 91 25.89 -4.55 -19.05
C ILE C 91 25.36 -3.54 -20.06
N THR C 92 25.14 -3.98 -21.30
CA THR C 92 24.68 -3.08 -22.34
C THR C 92 23.27 -2.58 -22.07
N ALA C 93 22.41 -3.45 -21.54
CA ALA C 93 21.03 -3.04 -21.24
C ALA C 93 21.02 -1.87 -20.25
N MET C 94 21.86 -1.94 -19.22
CA MET C 94 21.94 -0.86 -18.24
C MET C 94 22.65 0.36 -18.84
N LYS C 95 23.69 0.12 -19.64
CA LYS C 95 24.42 1.22 -20.25
C LYS C 95 23.50 2.09 -21.09
N TYR C 96 22.60 1.48 -21.86
CA TYR C 96 21.73 2.20 -22.78
C TYR C 96 20.30 2.32 -22.28
N SER C 97 20.06 2.01 -21.01
CA SER C 97 18.72 2.15 -20.41
C SER C 97 17.65 1.53 -21.30
N VAL C 98 17.86 0.26 -21.66
CA VAL C 98 16.95 -0.46 -22.54
C VAL C 98 15.70 -0.87 -21.76
N VAL C 99 14.67 -0.02 -21.83
CA VAL C 99 13.43 -0.30 -21.11
C VAL C 99 12.86 -1.68 -21.46
N PRO C 100 12.68 -2.05 -22.73
CA PRO C 100 11.97 -3.30 -23.02
C PRO C 100 12.61 -4.54 -22.40
N VAL C 101 13.94 -4.53 -22.23
CA VAL C 101 14.58 -5.69 -21.62
C VAL C 101 14.16 -5.83 -20.16
N TYR C 102 14.15 -4.72 -19.41
CA TYR C 102 13.78 -4.78 -18.01
C TYR C 102 12.28 -4.98 -17.83
N GLN C 103 11.48 -4.53 -18.78
CA GLN C 103 10.05 -4.81 -18.74
C GLN C 103 9.80 -6.32 -18.79
N GLU C 104 10.58 -7.04 -19.61
CA GLU C 104 10.48 -8.48 -19.64
C GLU C 104 10.94 -9.09 -18.33
N PHE C 105 11.99 -8.52 -17.72
CA PHE C 105 12.40 -8.96 -16.39
C PHE C 105 11.24 -8.84 -15.41
N ALA C 106 10.59 -7.68 -15.36
CA ALA C 106 9.52 -7.47 -14.40
C ALA C 106 8.38 -8.46 -14.60
N ARG C 107 8.03 -8.73 -15.85
CA ARG C 107 6.95 -9.68 -16.13
C ARG C 107 7.26 -11.05 -15.55
N GLN C 108 8.49 -11.53 -15.76
CA GLN C 108 8.87 -12.83 -15.20
C GLN C 108 9.03 -12.76 -13.69
N ILE C 109 9.46 -11.62 -13.16
CA ILE C 109 9.57 -11.46 -11.71
C ILE C 109 8.21 -11.65 -11.06
N GLY C 110 7.21 -10.93 -11.54
CA GLY C 110 5.86 -11.06 -11.03
C GLY C 110 5.51 -9.94 -10.05
N GLU C 111 4.23 -9.58 -10.04
CA GLU C 111 3.77 -8.52 -9.16
C GLU C 111 4.16 -8.80 -7.71
N ALA C 112 3.91 -10.01 -7.24
CA ALA C 112 4.11 -10.33 -5.83
C ALA C 112 5.58 -10.28 -5.44
N ARG C 113 6.44 -10.94 -6.21
CA ARG C 113 7.85 -10.99 -5.86
C ARG C 113 8.49 -9.59 -5.91
N MET C 114 8.09 -8.78 -6.89
CA MET C 114 8.61 -7.42 -6.96
C MET C 114 8.26 -6.64 -5.69
N SER C 115 7.00 -6.73 -5.26
CA SER C 115 6.57 -6.00 -4.07
C SER C 115 7.33 -6.45 -2.83
N LYS C 116 7.44 -7.77 -2.65
CA LYS C 116 8.14 -8.28 -1.47
C LYS C 116 9.59 -7.79 -1.43
N MET C 117 10.28 -7.80 -2.57
CA MET C 117 11.69 -7.44 -2.57
C MET C 117 11.88 -5.96 -2.29
N LEU C 118 11.05 -5.11 -2.88
CA LEU C 118 11.20 -3.67 -2.65
C LEU C 118 10.92 -3.31 -1.20
N HIS C 119 10.09 -4.09 -0.51
CA HIS C 119 9.93 -3.89 0.93
C HIS C 119 11.19 -4.29 1.67
N ALA C 120 11.80 -5.40 1.28
CA ALA C 120 13.06 -5.81 1.89
C ALA C 120 14.16 -4.77 1.63
N PHE C 121 14.13 -4.14 0.44
CA PHE C 121 15.08 -3.09 0.13
C PHE C 121 14.77 -1.78 0.84
N ASP C 122 13.57 -1.64 1.41
CA ASP C 122 13.12 -0.37 2.00
C ASP C 122 13.22 0.75 0.95
N TYR C 123 12.73 0.45 -0.24
CA TYR C 123 12.91 1.30 -1.42
C TYR C 123 11.72 2.24 -1.54
N GLY C 124 11.99 3.54 -1.38
CA GLY C 124 10.95 4.54 -1.57
C GLY C 124 9.70 4.25 -0.78
N ASN C 125 8.54 4.52 -1.38
CA ASN C 125 7.26 4.24 -0.75
C ASN C 125 6.85 2.78 -0.89
N GLU C 126 7.62 1.96 -1.60
CA GLU C 126 7.36 0.52 -1.74
C GLU C 126 6.03 0.24 -2.43
N ASP C 127 5.54 1.18 -3.22
CA ASP C 127 4.24 1.08 -3.87
C ASP C 127 4.46 0.84 -5.36
N ILE C 128 4.17 -0.36 -5.83
CA ILE C 128 4.35 -0.73 -7.22
C ILE C 128 3.03 -0.64 -8.00
N SER C 129 2.05 0.08 -7.48
CA SER C 129 0.73 0.11 -8.11
C SER C 129 0.85 0.59 -9.55
N GLY C 130 0.11 -0.06 -10.44
CA GLY C 130 0.21 0.20 -11.87
C GLY C 130 0.58 -1.06 -12.64
N ASN C 131 1.03 -0.90 -13.88
CA ASN C 131 1.48 -2.05 -14.66
C ASN C 131 2.77 -2.60 -14.07
N VAL C 132 2.83 -3.92 -13.91
CA VAL C 132 4.04 -4.54 -13.38
C VAL C 132 5.25 -4.23 -14.25
N ASP C 133 5.02 -3.92 -15.53
CA ASP C 133 6.10 -3.66 -16.47
C ASP C 133 6.23 -2.17 -16.83
N SER C 134 5.73 -1.27 -15.98
CA SER C 134 5.95 0.14 -16.22
C SER C 134 5.66 1.01 -14.99
N PHE C 135 5.49 0.39 -13.82
CA PHE C 135 5.13 1.16 -12.63
C PHE C 135 6.24 2.14 -12.26
N TRP C 136 7.49 1.80 -12.56
CA TRP C 136 8.59 2.71 -12.28
C TRP C 136 8.68 3.86 -13.28
N LEU C 137 7.85 3.85 -14.32
CA LEU C 137 7.78 4.92 -15.31
C LEU C 137 6.51 5.76 -15.19
N ASP C 138 5.37 5.13 -14.91
CA ASP C 138 4.10 5.85 -14.83
C ASP C 138 3.21 5.31 -13.72
N GLY C 139 3.75 4.53 -12.79
CA GLY C 139 2.99 3.98 -11.70
C GLY C 139 3.00 4.87 -10.47
N GLY C 140 2.83 4.24 -9.31
CA GLY C 140 2.75 4.94 -8.05
C GLY C 140 4.01 4.95 -7.22
N ILE C 141 5.07 4.28 -7.68
CA ILE C 141 6.31 4.23 -6.91
C ILE C 141 6.96 5.61 -6.88
N ARG C 142 7.46 6.00 -5.72
CA ARG C 142 8.11 7.28 -5.53
C ARG C 142 9.34 7.10 -4.66
N ILE C 143 10.36 7.91 -4.93
CA ILE C 143 11.60 7.86 -4.17
C ILE C 143 12.30 9.20 -4.27
N SER C 144 12.89 9.64 -3.16
CA SER C 144 13.61 10.90 -3.11
C SER C 144 15.11 10.65 -3.27
N ALA C 145 15.86 11.75 -3.42
CA ALA C 145 17.30 11.64 -3.62
C ALA C 145 17.98 11.06 -2.38
N THR C 146 17.61 11.53 -1.19
CA THR C 146 18.21 11.00 0.03
C THR C 146 17.93 9.52 0.18
N GLU C 147 16.74 9.07 -0.23
CA GLU C 147 16.40 7.65 -0.15
C GLU C 147 17.21 6.83 -1.13
N GLN C 148 17.53 7.39 -2.31
CA GLN C 148 18.43 6.71 -3.24
C GLN C 148 19.77 6.43 -2.57
N ILE C 149 20.35 7.47 -1.94
CA ILE C 149 21.64 7.30 -1.28
C ILE C 149 21.57 6.22 -0.22
N SER C 150 20.51 6.24 0.59
CA SER C 150 20.35 5.20 1.61
C SER C 150 20.32 3.82 0.96
N PHE C 151 19.57 3.68 -0.13
CA PHE C 151 19.53 2.40 -0.85
C PHE C 151 20.89 2.08 -1.46
N LEU C 152 21.50 3.06 -2.12
CA LEU C 152 22.81 2.82 -2.74
C LEU C 152 23.85 2.40 -1.72
N ARG C 153 23.80 2.98 -0.52
CA ARG C 153 24.78 2.64 0.50
C ARG C 153 24.71 1.16 0.86
N LYS C 154 23.50 0.63 1.07
CA LYS C 154 23.36 -0.79 1.34
C LYS C 154 24.01 -1.62 0.24
N LEU C 155 23.82 -1.22 -1.01
CA LEU C 155 24.39 -1.98 -2.13
C LEU C 155 25.92 -1.98 -2.06
N TYR C 156 26.52 -0.82 -1.77
CA TYR C 156 27.97 -0.75 -1.71
C TYR C 156 28.53 -1.73 -0.69
N HIS C 157 27.89 -1.82 0.48
CA HIS C 157 28.34 -2.70 1.55
C HIS C 157 27.77 -4.11 1.44
N ASN C 158 27.12 -4.44 0.32
CA ASN C 158 26.53 -5.76 0.12
C ASN C 158 25.56 -6.12 1.25
N LYS C 159 24.86 -5.13 1.78
CA LYS C 159 23.96 -5.33 2.91
C LYS C 159 22.50 -5.52 2.49
N LEU C 160 22.19 -5.39 1.21
CA LEU C 160 20.83 -5.68 0.76
C LEU C 160 20.54 -7.17 0.89
N HIS C 161 19.25 -7.50 0.98
CA HIS C 161 18.82 -8.86 1.28
C HIS C 161 18.75 -9.70 0.01
N VAL C 162 19.88 -9.74 -0.69
CA VAL C 162 20.11 -10.65 -1.82
C VAL C 162 21.55 -11.13 -1.73
N SER C 163 21.87 -12.13 -2.53
CA SER C 163 23.20 -12.73 -2.48
C SER C 163 24.27 -11.69 -2.79
N GLU C 164 25.46 -11.92 -2.24
CA GLU C 164 26.60 -11.04 -2.54
C GLU C 164 26.87 -11.02 -4.04
N ARG C 165 26.80 -12.17 -4.70
CA ARG C 165 27.02 -12.24 -6.14
C ARG C 165 26.13 -11.25 -6.88
N SER C 166 24.83 -11.30 -6.63
CA SER C 166 23.90 -10.41 -7.33
C SER C 166 24.32 -8.94 -7.16
N GLN C 167 24.73 -8.57 -5.95
CA GLN C 167 25.10 -7.18 -5.71
C GLN C 167 26.41 -6.80 -6.39
N ARG C 168 27.36 -7.74 -6.46
CA ARG C 168 28.60 -7.46 -7.19
C ARG C 168 28.33 -7.27 -8.67
N ILE C 169 27.51 -8.14 -9.26
CA ILE C 169 27.24 -8.05 -10.69
C ILE C 169 26.58 -6.72 -11.03
N VAL C 170 25.60 -6.31 -10.24
CA VAL C 170 24.92 -5.04 -10.51
C VAL C 170 25.89 -3.88 -10.36
N LYS C 171 26.72 -3.90 -9.32
CA LYS C 171 27.73 -2.87 -9.17
C LYS C 171 28.68 -2.85 -10.37
N GLN C 172 28.98 -4.01 -10.94
CA GLN C 172 29.77 -4.03 -12.16
C GLN C 172 29.02 -3.40 -13.32
N ALA C 173 27.72 -3.68 -13.44
CA ALA C 173 26.94 -3.14 -14.55
C ALA C 173 26.75 -1.63 -14.42
N MET C 174 26.84 -1.09 -13.19
CA MET C 174 26.70 0.34 -12.99
C MET C 174 27.95 1.12 -13.40
N LEU C 175 29.04 0.43 -13.73
CA LEU C 175 30.29 1.11 -14.07
C LEU C 175 30.06 2.08 -15.22
N THR C 176 30.41 3.35 -14.99
CA THR C 176 30.19 4.41 -15.96
C THR C 176 31.49 5.07 -16.40
N GLU C 177 32.39 5.35 -15.47
CA GLU C 177 33.64 6.03 -15.79
C GLU C 177 34.67 5.66 -14.74
N ALA C 178 35.93 5.61 -15.16
CA ALA C 178 37.02 5.26 -14.25
C ALA C 178 38.33 5.73 -14.85
N ASN C 179 39.24 6.18 -13.98
CA ASN C 179 40.57 6.60 -14.37
C ASN C 179 41.45 6.55 -13.13
N GLY C 180 42.64 7.17 -13.23
CA GLY C 180 43.58 7.17 -12.12
C GLY C 180 43.12 7.96 -10.91
N ASP C 181 42.08 8.78 -11.04
CA ASP C 181 41.62 9.65 -9.96
C ASP C 181 40.40 9.14 -9.24
N TYR C 182 39.43 8.54 -9.95
CA TYR C 182 38.18 8.13 -9.33
C TYR C 182 37.53 7.05 -10.18
N ILE C 183 36.52 6.42 -9.58
CA ILE C 183 35.65 5.46 -10.27
C ILE C 183 34.21 5.86 -9.98
N ILE C 184 33.38 5.85 -11.02
CA ILE C 184 31.97 6.22 -10.91
C ILE C 184 31.13 4.99 -11.26
N ARG C 185 30.30 4.57 -10.32
CA ARG C 185 29.27 3.56 -10.57
C ARG C 185 27.92 4.24 -10.32
N ALA C 186 27.13 4.40 -11.37
CA ALA C 186 25.92 5.22 -11.30
C ALA C 186 24.91 4.74 -12.34
N LYS C 187 23.73 5.37 -12.33
CA LYS C 187 22.67 5.04 -13.27
C LYS C 187 21.87 6.30 -13.56
N THR C 188 21.57 6.51 -14.84
CA THR C 188 20.81 7.66 -15.28
C THR C 188 19.31 7.36 -15.27
N GLY C 189 18.52 8.42 -15.32
CA GLY C 189 17.07 8.29 -15.35
C GLY C 189 16.44 9.46 -16.07
N TYR C 190 15.30 9.21 -16.70
CA TYR C 190 14.61 10.22 -17.49
C TYR C 190 13.11 9.96 -17.38
N SER C 191 12.44 10.72 -16.53
CA SER C 191 11.00 10.57 -16.30
C SER C 191 10.24 11.54 -17.19
N THR C 192 9.43 11.00 -18.10
CA THR C 192 8.72 11.80 -19.09
C THR C 192 7.21 11.57 -19.13
N ARG C 193 6.70 10.45 -18.61
CA ARG C 193 5.31 10.11 -18.80
C ARG C 193 4.38 10.94 -17.92
N ILE C 194 4.80 11.23 -16.69
CA ILE C 194 3.98 11.95 -15.73
C ILE C 194 4.76 13.15 -15.22
N GLU C 195 4.06 14.26 -15.01
CA GLU C 195 4.71 15.46 -14.52
C GLU C 195 5.08 15.30 -13.04
N PRO C 196 6.16 15.97 -12.59
CA PRO C 196 7.05 16.81 -13.39
C PRO C 196 8.09 16.00 -14.17
N LYS C 197 8.40 16.43 -15.39
CA LYS C 197 9.45 15.78 -16.16
C LYS C 197 10.81 16.14 -15.57
N ILE C 198 11.59 15.12 -15.21
CA ILE C 198 12.86 15.31 -14.53
C ILE C 198 13.86 14.27 -15.03
N GLY C 199 15.14 14.57 -14.83
CA GLY C 199 16.21 13.64 -15.11
C GLY C 199 16.95 13.27 -13.84
N TRP C 200 17.36 12.02 -13.75
CA TRP C 200 18.05 11.49 -12.59
C TRP C 200 19.52 11.21 -12.90
N TRP C 201 20.32 11.18 -11.83
CA TRP C 201 21.62 10.52 -11.88
C TRP C 201 22.00 10.16 -10.45
N VAL C 202 22.13 8.86 -10.17
CA VAL C 202 22.41 8.37 -8.84
C VAL C 202 23.51 7.33 -8.90
N GLY C 203 24.39 7.34 -7.90
CA GLY C 203 25.49 6.40 -7.84
C GLY C 203 26.47 6.76 -6.73
N TRP C 204 27.76 6.68 -7.02
CA TRP C 204 28.77 7.11 -6.06
C TRP C 204 30.12 7.24 -6.75
N VAL C 205 31.01 7.98 -6.11
CA VAL C 205 32.38 8.19 -6.57
C VAL C 205 33.29 7.44 -5.61
N GLU C 206 34.09 6.51 -6.15
CA GLU C 206 35.05 5.76 -5.35
C GLU C 206 36.41 6.44 -5.42
N LEU C 207 37.01 6.69 -4.26
CA LEU C 207 38.34 7.24 -4.14
C LEU C 207 39.26 6.20 -3.51
N ASP C 208 40.54 6.58 -3.36
CA ASP C 208 41.49 5.68 -2.71
C ASP C 208 41.08 5.37 -1.27
N ASP C 209 40.66 6.40 -0.53
CA ASP C 209 40.42 6.27 0.91
C ASP C 209 39.00 6.59 1.31
N ASN C 210 38.11 6.91 0.38
CA ASN C 210 36.76 7.32 0.75
C ASN C 210 35.83 7.11 -0.44
N VAL C 211 34.52 7.13 -0.15
CA VAL C 211 33.48 6.99 -1.15
C VAL C 211 32.49 8.13 -0.96
N TRP C 212 32.15 8.80 -2.06
CA TRP C 212 31.16 9.87 -2.04
C TRP C 212 29.93 9.38 -2.81
N PHE C 213 28.85 9.11 -2.07
CA PHE C 213 27.59 8.78 -2.70
C PHE C 213 26.89 10.05 -3.16
N PHE C 214 26.15 9.94 -4.26
CA PHE C 214 25.44 11.09 -4.81
C PHE C 214 24.11 10.67 -5.40
N ALA C 215 23.21 11.63 -5.50
CA ALA C 215 21.91 11.44 -6.12
C ALA C 215 21.38 12.82 -6.50
N MET C 216 21.11 13.03 -7.79
CA MET C 216 20.66 14.32 -8.28
C MET C 216 19.46 14.13 -9.20
N ASN C 217 18.54 15.09 -9.15
CA ASN C 217 17.48 15.18 -10.13
C ASN C 217 17.30 16.64 -10.51
N MET C 218 16.84 16.86 -11.75
CA MET C 218 16.66 18.20 -12.27
C MET C 218 15.48 18.21 -13.22
N ASP C 219 14.81 19.36 -13.31
CA ASP C 219 13.70 19.50 -14.26
C ASP C 219 14.22 19.32 -15.68
N MET C 220 13.52 18.49 -16.45
CA MET C 220 13.94 18.11 -17.81
C MET C 220 12.74 18.26 -18.74
N PRO C 221 12.33 19.49 -19.04
CA PRO C 221 11.17 19.67 -19.92
C PRO C 221 11.36 19.11 -21.32
N THR C 222 12.59 19.11 -21.83
CA THR C 222 12.89 18.51 -23.12
C THR C 222 14.23 17.79 -23.03
N SER C 223 14.42 16.83 -23.94
CA SER C 223 15.56 15.92 -23.88
C SER C 223 16.90 16.60 -24.15
N ASP C 224 16.89 17.85 -24.61
CA ASP C 224 18.15 18.51 -24.95
C ASP C 224 19.07 18.63 -23.75
N GLY C 225 18.51 18.74 -22.55
CA GLY C 225 19.29 18.98 -21.36
C GLY C 225 19.74 17.75 -20.59
N LEU C 226 19.60 16.56 -21.17
CA LEU C 226 19.99 15.35 -20.45
C LEU C 226 21.47 15.37 -20.08
N GLY C 227 22.32 15.89 -20.97
CA GLY C 227 23.74 15.95 -20.69
C GLY C 227 24.09 16.74 -19.44
N LEU C 228 23.16 17.57 -18.95
CA LEU C 228 23.42 18.38 -17.76
C LEU C 228 23.38 17.57 -16.48
N ARG C 229 22.76 16.39 -16.50
CA ARG C 229 22.74 15.55 -15.30
C ARG C 229 24.16 15.25 -14.82
N GLN C 230 25.04 14.87 -15.75
CA GLN C 230 26.42 14.59 -15.39
C GLN C 230 27.23 15.88 -15.28
N ALA C 231 27.01 16.82 -16.20
CA ALA C 231 27.82 18.04 -16.22
C ALA C 231 27.67 18.81 -14.91
N ILE C 232 26.42 19.05 -14.47
CA ILE C 232 26.21 19.79 -13.24
C ILE C 232 26.74 19.01 -12.05
N THR C 233 26.52 17.69 -12.02
CA THR C 233 27.04 16.88 -10.94
C THR C 233 28.55 17.03 -10.81
N LYS C 234 29.26 16.95 -11.94
CA LYS C 234 30.71 16.97 -11.90
C LYS C 234 31.24 18.32 -11.44
N GLU C 235 30.58 19.41 -11.83
CA GLU C 235 31.02 20.73 -11.40
C GLU C 235 30.85 20.90 -9.89
N VAL C 236 29.85 20.24 -9.30
CA VAL C 236 29.74 20.24 -7.85
C VAL C 236 30.86 19.41 -7.25
N LEU C 237 31.21 18.29 -7.87
CA LEU C 237 32.30 17.47 -7.38
C LEU C 237 33.63 18.21 -7.47
N LYS C 238 33.83 18.97 -8.54
CA LYS C 238 35.06 19.74 -8.68
C LYS C 238 35.11 20.89 -7.68
N GLN C 239 33.97 21.52 -7.41
CA GLN C 239 33.94 22.57 -6.40
C GLN C 239 34.30 22.01 -5.03
N GLU C 240 33.74 20.86 -4.68
CA GLU C 240 34.05 20.20 -3.42
C GLU C 240 35.39 19.48 -3.45
N LYS C 241 36.17 19.66 -4.52
CA LYS C 241 37.53 19.11 -4.61
C LYS C 241 37.53 17.59 -4.43
N ILE C 242 36.45 16.94 -4.88
CA ILE C 242 36.41 15.48 -4.88
C ILE C 242 37.06 14.92 -6.14
N ILE C 243 37.04 15.68 -7.23
CA ILE C 243 37.73 15.29 -8.47
C ILE C 243 38.46 16.49 -9.02
N PRO C 244 39.61 16.25 -9.68
CA PRO C 244 40.42 17.38 -10.16
C PRO C 244 39.64 18.36 -11.03
N GLU D 3 11.62 -25.54 29.51
CA GLU D 3 11.45 -24.10 29.37
C GLU D 3 11.45 -23.69 27.91
N TRP D 4 10.80 -22.57 27.61
CA TRP D 4 10.70 -22.05 26.25
C TRP D 4 10.99 -20.55 26.26
N GLN D 5 11.94 -20.13 25.43
CA GLN D 5 12.28 -18.73 25.28
C GLN D 5 11.74 -18.25 23.94
N GLU D 6 11.09 -17.09 23.94
CA GLU D 6 10.56 -16.49 22.73
C GLU D 6 11.56 -15.46 22.20
N ASN D 7 11.85 -15.53 20.91
CA ASN D 7 12.82 -14.64 20.25
C ASN D 7 12.16 -14.05 19.02
N LYS D 8 11.53 -12.88 19.17
CA LYS D 8 10.89 -12.21 18.05
C LYS D 8 11.87 -11.79 16.97
N SER D 9 13.18 -11.83 17.26
CA SER D 9 14.17 -11.45 16.24
C SER D 9 14.02 -12.29 14.98
N TRP D 10 13.66 -13.56 15.12
CA TRP D 10 13.56 -14.44 13.96
C TRP D 10 12.45 -14.00 13.00
N ASN D 11 11.48 -13.23 13.46
CA ASN D 11 10.41 -12.77 12.59
C ASN D 11 10.96 -11.98 11.40
N ALA D 12 12.12 -11.33 11.58
CA ALA D 12 12.73 -10.59 10.48
C ALA D 12 12.95 -11.48 9.26
N HIS D 13 13.18 -12.77 9.47
CA HIS D 13 13.37 -13.69 8.35
C HIS D 13 12.06 -13.99 7.65
N PHE D 14 10.94 -14.02 8.37
CA PHE D 14 9.65 -14.22 7.74
C PHE D 14 9.17 -12.96 7.02
N THR D 15 9.38 -11.79 7.64
CA THR D 15 8.99 -10.54 6.99
C THR D 15 9.86 -10.24 5.77
N GLU D 16 11.08 -10.78 5.71
CA GLU D 16 11.89 -10.65 4.50
C GLU D 16 11.18 -11.17 3.28
N HIS D 17 10.11 -11.97 3.47
CA HIS D 17 9.30 -12.47 2.36
C HIS D 17 7.82 -12.17 2.58
N LYS D 18 7.49 -11.21 3.44
CA LYS D 18 6.10 -10.85 3.74
C LYS D 18 5.25 -12.08 4.02
N SER D 19 5.83 -13.05 4.72
CA SER D 19 5.14 -14.28 5.07
C SER D 19 5.00 -14.37 6.59
N GLN D 20 4.30 -15.40 7.04
CA GLN D 20 4.04 -15.64 8.45
C GLN D 20 4.26 -17.11 8.75
N GLY D 21 4.88 -17.39 9.90
CA GLY D 21 5.13 -18.76 10.27
C GLY D 21 5.85 -18.82 11.60
N VAL D 22 6.27 -20.04 11.96
CA VAL D 22 6.95 -20.29 13.22
C VAL D 22 8.11 -21.24 12.97
N VAL D 23 9.20 -21.03 13.70
CA VAL D 23 10.30 -21.98 13.78
C VAL D 23 10.48 -22.34 15.26
N VAL D 24 10.63 -23.62 15.53
CA VAL D 24 10.77 -24.12 16.90
C VAL D 24 12.03 -24.98 16.96
N LEU D 25 12.94 -24.62 17.86
CA LEU D 25 14.19 -25.36 18.04
C LEU D 25 14.25 -25.90 19.45
N TRP D 26 14.88 -27.07 19.61
CA TRP D 26 15.05 -27.70 20.92
C TRP D 26 16.49 -28.17 21.06
N ASN D 27 17.18 -27.65 22.08
CA ASN D 27 18.55 -28.05 22.39
C ASN D 27 18.50 -29.28 23.28
N GLU D 28 18.86 -30.44 22.73
CA GLU D 28 18.76 -31.69 23.47
C GLU D 28 19.69 -31.69 24.68
N ASN D 29 20.91 -31.19 24.51
CA ASN D 29 21.85 -31.18 25.63
C ASN D 29 21.31 -30.34 26.78
N LYS D 30 20.91 -29.10 26.50
CA LYS D 30 20.43 -28.19 27.53
C LYS D 30 18.95 -28.40 27.86
N GLN D 31 18.22 -29.16 27.05
CA GLN D 31 16.78 -29.38 27.27
C GLN D 31 16.03 -28.06 27.30
N GLN D 32 16.35 -27.19 26.35
CA GLN D 32 15.72 -25.88 26.23
C GLN D 32 15.20 -25.70 24.81
N GLY D 33 14.07 -25.00 24.72
CA GLY D 33 13.42 -24.74 23.44
C GLY D 33 13.41 -23.26 23.12
N PHE D 34 13.35 -22.96 21.82
CA PHE D 34 13.36 -21.58 21.34
C PHE D 34 12.39 -21.47 20.17
N THR D 35 11.68 -20.35 20.11
CA THR D 35 10.74 -20.11 19.03
C THR D 35 10.54 -18.61 18.87
N ASN D 36 10.01 -18.22 17.71
CA ASN D 36 9.64 -16.85 17.43
C ASN D 36 8.21 -16.53 17.83
N ASN D 37 7.37 -17.55 18.07
CA ASN D 37 5.95 -17.34 18.36
C ASN D 37 5.49 -18.53 19.20
N LEU D 38 5.52 -18.33 20.53
CA LEU D 38 5.08 -19.39 21.43
C LEU D 38 3.70 -19.91 21.08
N LYS D 39 2.83 -19.06 20.54
CA LYS D 39 1.45 -19.46 20.28
C LYS D 39 1.37 -20.40 19.07
N ARG D 40 1.86 -19.94 17.92
CA ARG D 40 1.82 -20.79 16.73
C ARG D 40 2.60 -22.07 16.94
N ALA D 41 3.65 -22.03 17.75
CA ALA D 41 4.41 -23.25 18.03
C ALA D 41 3.52 -24.34 18.61
N ASN D 42 2.51 -23.97 19.38
CA ASN D 42 1.57 -24.91 19.97
C ASN D 42 0.25 -24.98 19.21
N GLN D 43 0.15 -24.30 18.06
CA GLN D 43 -1.05 -24.37 17.24
C GLN D 43 -1.02 -25.63 16.39
N ALA D 44 -2.05 -26.46 16.52
CA ALA D 44 -2.10 -27.76 15.85
C ALA D 44 -2.69 -27.61 14.45
N PHE D 45 -1.93 -28.06 13.45
CA PHE D 45 -2.36 -28.07 12.06
C PHE D 45 -2.43 -29.50 11.55
N LEU D 46 -2.94 -29.65 10.34
CA LEU D 46 -2.84 -30.93 9.65
C LEU D 46 -1.38 -31.27 9.42
N PRO D 47 -0.95 -32.50 9.69
CA PRO D 47 0.47 -32.84 9.46
C PRO D 47 0.83 -32.87 7.98
N ALA D 48 -0.08 -33.29 7.13
CA ALA D 48 0.18 -33.39 5.68
C ALA D 48 1.29 -34.43 5.51
N SER D 49 2.23 -34.22 4.58
CA SER D 49 3.21 -35.25 4.26
C SER D 49 4.19 -35.52 5.39
N THR D 50 4.19 -34.71 6.46
CA THR D 50 5.01 -35.04 7.62
C THR D 50 4.53 -36.31 8.32
N PHE D 51 3.31 -36.75 8.02
CA PHE D 51 2.76 -37.96 8.61
C PHE D 51 3.44 -39.20 8.04
N KCX D 52 4.21 -39.03 6.96
CA KCX D 52 4.91 -40.15 6.35
CB KCX D 52 5.55 -39.72 5.02
CG KCX D 52 4.56 -39.66 3.87
CD KCX D 52 5.23 -39.24 2.57
CE KCX D 52 4.22 -39.18 1.42
NZ KCX D 52 3.28 -38.03 1.56
C KCX D 52 5.96 -40.71 7.29
O KCX D 52 6.43 -41.84 7.11
CX KCX D 52 2.11 -38.17 2.16
OQ1 KCX D 52 1.34 -37.20 2.27
OQ2 KCX D 52 1.78 -39.29 2.59
H KCX D 52 4.33 -38.28 6.56
HA KCX D 52 4.26 -40.86 6.15
HB2 KCX D 52 5.94 -38.84 5.13
HG2 KCX D 52 3.87 -39.01 4.08
HD2 KCX D 52 5.61 -38.35 2.68
HE2 KCX D 52 4.71 -39.07 0.59
N ILE D 53 6.33 -39.94 8.31
CA ILE D 53 7.28 -40.43 9.32
C ILE D 53 6.59 -41.50 10.18
N PRO D 54 5.51 -41.14 10.87
CA PRO D 54 4.79 -42.17 11.64
C PRO D 54 4.16 -43.24 10.77
N ASN D 55 3.70 -42.87 9.56
CA ASN D 55 3.14 -43.87 8.65
C ASN D 55 4.19 -44.92 8.28
N SER D 56 5.42 -44.48 7.98
CA SER D 56 6.48 -45.42 7.65
C SER D 56 6.78 -46.36 8.81
N LEU D 57 6.93 -45.79 10.02
CA LEU D 57 7.19 -46.60 11.21
C LEU D 57 6.15 -47.69 11.36
N ILE D 58 4.87 -47.33 11.22
CA ILE D 58 3.80 -48.30 11.40
C ILE D 58 3.88 -49.40 10.35
N ALA D 59 4.07 -49.01 9.09
CA ALA D 59 4.13 -50.00 8.02
C ALA D 59 5.27 -50.97 8.23
N LEU D 60 6.44 -50.47 8.64
CA LEU D 60 7.60 -51.33 8.84
C LEU D 60 7.36 -52.32 9.98
N ASP D 61 6.87 -51.83 11.13
CA ASP D 61 6.73 -52.67 12.30
C ASP D 61 5.63 -53.72 12.12
N LEU D 62 4.73 -53.53 11.16
CA LEU D 62 3.66 -54.48 10.90
C LEU D 62 3.96 -55.42 9.74
N GLY D 63 4.99 -55.14 8.95
CA GLY D 63 5.33 -55.96 7.81
C GLY D 63 4.79 -55.46 6.49
N VAL D 64 3.93 -54.44 6.50
CA VAL D 64 3.44 -53.85 5.26
C VAL D 64 4.60 -53.45 4.37
N VAL D 65 5.70 -53.00 4.97
CA VAL D 65 6.93 -52.67 4.26
C VAL D 65 8.03 -53.56 4.83
N LYS D 66 8.55 -54.47 4.00
CA LYS D 66 9.56 -55.41 4.48
C LYS D 66 10.86 -54.69 4.83
N ASP D 67 11.36 -53.85 3.93
CA ASP D 67 12.56 -53.06 4.19
C ASP D 67 12.58 -51.90 3.22
N GLU D 68 13.69 -51.16 3.22
CA GLU D 68 13.81 -49.96 2.41
C GLU D 68 14.07 -50.26 0.93
N HIS D 69 14.19 -51.52 0.54
CA HIS D 69 14.44 -51.89 -0.84
C HIS D 69 13.20 -52.36 -1.57
N GLN D 70 12.17 -52.81 -0.85
CA GLN D 70 10.93 -53.24 -1.47
C GLN D 70 10.40 -52.17 -2.42
N VAL D 71 10.08 -52.60 -3.64
CA VAL D 71 9.63 -51.68 -4.69
C VAL D 71 8.10 -51.67 -4.71
N PHE D 72 7.53 -50.47 -4.82
CA PHE D 72 6.08 -50.29 -4.94
C PHE D 72 5.83 -49.68 -6.32
N LYS D 73 5.33 -50.50 -7.23
CA LYS D 73 5.24 -50.10 -8.63
C LYS D 73 4.20 -49.00 -8.83
N TRP D 74 4.50 -48.07 -9.72
CA TRP D 74 3.54 -47.07 -10.15
C TRP D 74 2.27 -47.75 -10.66
N ASP D 75 1.12 -47.19 -10.30
CA ASP D 75 -0.16 -47.81 -10.62
C ASP D 75 -0.63 -47.51 -12.03
N GLY D 76 0.08 -46.67 -12.78
CA GLY D 76 -0.29 -46.34 -14.15
C GLY D 76 -1.10 -45.07 -14.31
N GLN D 77 -1.54 -44.45 -13.22
CA GLN D 77 -2.28 -43.20 -13.30
C GLN D 77 -1.30 -42.03 -13.39
N THR D 78 -1.40 -41.26 -14.48
CA THR D 78 -0.57 -40.08 -14.64
C THR D 78 -1.07 -38.97 -13.72
N ARG D 79 -0.22 -38.54 -12.79
CA ARG D 79 -0.57 -37.53 -11.82
C ARG D 79 0.20 -36.24 -12.07
N ASP D 80 -0.30 -35.15 -11.48
CA ASP D 80 0.23 -33.82 -11.79
C ASP D 80 1.67 -33.65 -11.34
N ILE D 81 2.18 -34.54 -10.49
CA ILE D 81 3.56 -34.49 -10.02
C ILE D 81 4.31 -35.63 -10.69
N ALA D 82 5.22 -35.28 -11.59
CA ALA D 82 5.86 -36.28 -12.45
C ALA D 82 6.52 -37.38 -11.62
N THR D 83 7.27 -36.99 -10.58
CA THR D 83 8.05 -37.97 -9.84
C THR D 83 7.20 -39.02 -9.14
N TRP D 84 5.87 -38.83 -9.07
CA TRP D 84 5.00 -39.86 -8.53
C TRP D 84 4.70 -40.95 -9.54
N ASN D 85 4.83 -40.66 -10.84
CA ASN D 85 4.53 -41.62 -11.89
C ASN D 85 5.80 -42.43 -12.19
N ARG D 86 6.11 -43.33 -11.25
CA ARG D 86 7.40 -43.99 -11.22
C ARG D 86 7.43 -45.00 -10.07
N ASP D 87 8.15 -46.09 -10.24
CA ASP D 87 8.35 -47.03 -9.14
C ASP D 87 9.16 -46.37 -8.03
N HIS D 88 8.88 -46.77 -6.79
CA HIS D 88 9.53 -46.17 -5.64
C HIS D 88 9.80 -47.22 -4.57
N ASN D 89 10.75 -46.89 -3.70
CA ASN D 89 10.97 -47.59 -2.44
C ASN D 89 10.77 -46.59 -1.32
N LEU D 90 10.99 -47.05 -0.07
CA LEU D 90 10.77 -46.16 1.07
C LEU D 90 11.65 -44.92 0.97
N ILE D 91 12.90 -45.07 0.54
CA ILE D 91 13.81 -43.93 0.44
C ILE D 91 13.26 -42.91 -0.55
N THR D 92 13.07 -43.32 -1.80
CA THR D 92 12.63 -42.39 -2.83
C THR D 92 11.20 -41.92 -2.59
N ALA D 93 10.33 -42.79 -2.06
CA ALA D 93 8.96 -42.38 -1.79
C ALA D 93 8.90 -41.27 -0.75
N MET D 94 9.73 -41.37 0.30
CA MET D 94 9.80 -40.30 1.28
C MET D 94 10.51 -39.08 0.71
N LYS D 95 11.58 -39.30 -0.05
CA LYS D 95 12.31 -38.19 -0.65
C LYS D 95 11.39 -37.29 -1.47
N TYR D 96 10.49 -37.90 -2.26
CA TYR D 96 9.63 -37.16 -3.17
C TYR D 96 8.20 -37.07 -2.68
N SER D 97 7.93 -37.44 -1.43
CA SER D 97 6.60 -37.30 -0.82
C SER D 97 5.53 -37.90 -1.73
N VAL D 98 5.72 -39.17 -2.08
CA VAL D 98 4.80 -39.86 -2.99
C VAL D 98 3.55 -40.27 -2.24
N VAL D 99 2.54 -39.41 -2.25
CA VAL D 99 1.30 -39.69 -1.53
C VAL D 99 0.71 -41.04 -1.90
N PRO D 100 0.51 -41.38 -3.19
CA PRO D 100 -0.20 -42.62 -3.50
C PRO D 100 0.45 -43.87 -2.94
N VAL D 101 1.77 -43.86 -2.72
CA VAL D 101 2.43 -45.03 -2.15
C VAL D 101 2.04 -45.21 -0.69
N TYR D 102 1.96 -44.11 0.06
CA TYR D 102 1.58 -44.20 1.46
C TYR D 102 0.08 -44.41 1.64
N GLN D 103 -0.72 -43.98 0.67
CA GLN D 103 -2.16 -44.27 0.73
C GLN D 103 -2.41 -45.78 0.70
N GLU D 104 -1.58 -46.51 -0.05
CA GLU D 104 -1.70 -47.97 -0.04
C GLU D 104 -1.21 -48.54 1.29
N PHE D 105 -0.15 -47.97 1.86
CA PHE D 105 0.27 -48.37 3.20
C PHE D 105 -0.89 -48.24 4.19
N ALA D 106 -1.51 -47.06 4.24
CA ALA D 106 -2.58 -46.83 5.20
C ALA D 106 -3.74 -47.80 5.00
N ARG D 107 -4.07 -48.09 3.74
CA ARG D 107 -5.15 -49.03 3.48
C ARG D 107 -4.82 -50.42 4.00
N GLN D 108 -3.57 -50.86 3.84
CA GLN D 108 -3.16 -52.16 4.35
C GLN D 108 -3.05 -52.14 5.87
N ILE D 109 -2.65 -51.01 6.45
CA ILE D 109 -2.59 -50.90 7.90
C ILE D 109 -3.98 -51.06 8.51
N GLY D 110 -4.92 -50.23 8.08
CA GLY D 110 -6.29 -50.32 8.55
C GLY D 110 -6.60 -49.30 9.63
N GLU D 111 -7.89 -48.94 9.72
CA GLU D 111 -8.32 -47.98 10.73
C GLU D 111 -7.86 -48.39 12.12
N ALA D 112 -8.19 -49.62 12.53
CA ALA D 112 -7.95 -50.03 13.91
C ALA D 112 -6.47 -49.92 14.27
N ARG D 113 -5.59 -50.52 13.46
CA ARG D 113 -4.17 -50.52 13.79
C ARG D 113 -3.58 -49.11 13.70
N MET D 114 -4.00 -48.33 12.69
CA MET D 114 -3.52 -46.96 12.59
C MET D 114 -3.89 -46.16 13.85
N SER D 115 -5.14 -46.30 14.30
CA SER D 115 -5.58 -45.56 15.48
C SER D 115 -4.81 -45.96 16.71
N LYS D 116 -4.62 -47.26 16.92
CA LYS D 116 -3.90 -47.73 18.11
C LYS D 116 -2.47 -47.22 18.12
N MET D 117 -1.80 -47.24 16.96
CA MET D 117 -0.40 -46.85 16.91
C MET D 117 -0.21 -45.38 17.27
N LEU D 118 -0.99 -44.50 16.65
CA LEU D 118 -0.85 -43.08 16.94
C LEU D 118 -1.11 -42.79 18.41
N HIS D 119 -1.97 -43.57 19.06
CA HIS D 119 -2.14 -43.44 20.51
C HIS D 119 -0.86 -43.84 21.24
N ALA D 120 -0.28 -44.97 20.86
CA ALA D 120 0.99 -45.39 21.44
C ALA D 120 2.08 -44.35 21.20
N PHE D 121 2.03 -43.66 20.06
CA PHE D 121 2.99 -42.61 19.76
C PHE D 121 2.69 -41.31 20.49
N ASP D 122 1.50 -41.17 21.08
CA ASP D 122 1.09 -39.90 21.68
C ASP D 122 1.09 -38.80 20.63
N TYR D 123 0.64 -39.13 19.43
CA TYR D 123 0.83 -38.29 18.26
C TYR D 123 -0.34 -37.31 18.13
N GLY D 124 -0.05 -36.02 18.27
CA GLY D 124 -1.04 -34.99 18.08
C GLY D 124 -2.30 -35.25 18.88
N ASN D 125 -3.45 -35.07 18.23
CA ASN D 125 -4.74 -35.34 18.85
C ASN D 125 -5.20 -36.78 18.65
N GLU D 126 -4.42 -37.60 17.96
CA GLU D 126 -4.71 -39.03 17.82
C GLU D 126 -6.06 -39.27 17.15
N ASP D 127 -6.52 -38.32 16.33
CA ASP D 127 -7.84 -38.39 15.70
C ASP D 127 -7.66 -38.66 14.21
N ILE D 128 -7.97 -39.89 13.80
CA ILE D 128 -7.83 -40.30 12.41
C ILE D 128 -9.17 -40.24 11.67
N SER D 129 -10.15 -39.51 12.20
CA SER D 129 -11.47 -39.50 11.59
C SER D 129 -11.37 -39.00 10.15
N GLY D 130 -12.06 -39.69 9.25
CA GLY D 130 -11.98 -39.47 7.83
C GLY D 130 -11.56 -40.72 7.09
N ASN D 131 -11.18 -40.54 5.83
CA ASN D 131 -10.68 -41.65 5.03
C ASN D 131 -9.35 -42.13 5.59
N VAL D 132 -9.21 -43.44 5.76
CA VAL D 132 -7.97 -44.00 6.29
C VAL D 132 -6.78 -43.65 5.41
N ASP D 133 -7.01 -43.35 4.13
CA ASP D 133 -5.94 -43.10 3.17
C ASP D 133 -5.82 -41.63 2.81
N SER D 134 -6.32 -40.72 3.66
CA SER D 134 -6.16 -39.30 3.39
C SER D 134 -6.37 -38.43 4.63
N PHE D 135 -6.64 -39.03 5.79
CA PHE D 135 -7.00 -38.24 6.95
C PHE D 135 -5.90 -37.25 7.31
N TRP D 136 -4.63 -37.60 7.07
CA TRP D 136 -3.53 -36.69 7.34
C TRP D 136 -3.46 -35.55 6.34
N LEU D 137 -4.26 -35.59 5.27
CA LEU D 137 -4.33 -34.51 4.30
C LEU D 137 -5.60 -33.70 4.38
N ASP D 138 -6.72 -34.33 4.73
CA ASP D 138 -7.99 -33.61 4.83
C ASP D 138 -8.92 -34.17 5.90
N GLY D 139 -8.41 -34.98 6.83
CA GLY D 139 -9.19 -35.53 7.93
C GLY D 139 -9.18 -34.64 9.15
N GLY D 140 -9.31 -35.28 10.32
CA GLY D 140 -9.35 -34.56 11.57
C GLY D 140 -8.12 -34.64 12.43
N ILE D 141 -7.03 -35.22 11.93
CA ILE D 141 -5.79 -35.32 12.71
C ILE D 141 -5.15 -33.94 12.80
N ARG D 142 -4.64 -33.61 13.99
CA ARG D 142 -4.03 -32.32 14.24
C ARG D 142 -2.81 -32.47 15.14
N ILE D 143 -1.75 -31.73 14.81
CA ILE D 143 -0.49 -31.80 15.56
C ILE D 143 0.21 -30.46 15.45
N SER D 144 0.81 -30.01 16.56
CA SER D 144 1.53 -28.75 16.61
C SER D 144 3.01 -28.97 16.40
N ALA D 145 3.74 -27.86 16.24
CA ALA D 145 5.19 -27.95 16.02
C ALA D 145 5.88 -28.51 17.25
N THR D 146 5.52 -28.05 18.45
CA THR D 146 6.12 -28.57 19.67
C THR D 146 5.82 -30.06 19.82
N GLU D 147 4.61 -30.48 19.43
CA GLU D 147 4.27 -31.90 19.49
C GLU D 147 5.08 -32.72 18.49
N GLN D 148 5.40 -32.13 17.33
CA GLN D 148 6.28 -32.80 16.37
C GLN D 148 7.63 -33.11 17.02
N ILE D 149 8.21 -32.12 17.71
CA ILE D 149 9.50 -32.31 18.36
C ILE D 149 9.39 -33.42 19.40
N SER D 150 8.37 -33.36 20.25
CA SER D 150 8.16 -34.42 21.24
C SER D 150 8.16 -35.79 20.57
N PHE D 151 7.47 -35.91 19.43
CA PHE D 151 7.44 -37.17 18.70
C PHE D 151 8.81 -37.49 18.12
N LEU D 152 9.48 -36.50 17.53
CA LEU D 152 10.79 -36.74 16.93
C LEU D 152 11.82 -37.13 17.97
N ARG D 153 11.75 -36.54 19.17
CA ARG D 153 12.72 -36.86 20.21
C ARG D 153 12.67 -38.35 20.57
N LYS D 154 11.46 -38.91 20.67
CA LYS D 154 11.34 -40.34 20.91
C LYS D 154 12.00 -41.14 19.79
N LEU D 155 11.71 -40.79 18.54
CA LEU D 155 12.26 -41.52 17.42
C LEU D 155 13.79 -41.52 17.46
N TYR D 156 14.39 -40.35 17.67
CA TYR D 156 15.84 -40.28 17.75
C TYR D 156 16.38 -41.23 18.80
N HIS D 157 15.76 -41.26 19.98
CA HIS D 157 16.20 -42.12 21.07
C HIS D 157 15.65 -43.54 20.96
N ASN D 158 15.04 -43.90 19.83
CA ASN D 158 14.44 -45.22 19.66
C ASN D 158 13.49 -45.57 20.80
N LYS D 159 12.78 -44.55 21.31
CA LYS D 159 11.87 -44.74 22.43
C LYS D 159 10.42 -44.93 22.01
N LEU D 160 10.09 -44.76 20.72
CA LEU D 160 8.74 -45.05 20.26
C LEU D 160 8.44 -46.54 20.41
N HIS D 161 7.16 -46.86 20.51
CA HIS D 161 6.73 -48.23 20.82
C HIS D 161 6.60 -49.05 19.53
N VAL D 162 7.71 -49.10 18.81
CA VAL D 162 7.91 -50.01 17.69
C VAL D 162 9.34 -50.51 17.79
N SER D 163 9.66 -51.51 16.97
CA SER D 163 10.98 -52.12 17.05
C SER D 163 12.07 -51.10 16.76
N GLU D 164 13.27 -51.37 17.27
CA GLU D 164 14.42 -50.52 16.98
C GLU D 164 14.70 -50.51 15.49
N ARG D 165 14.63 -51.67 14.84
CA ARG D 165 14.89 -51.74 13.40
C ARG D 165 13.98 -50.79 12.63
N SER D 166 12.68 -50.81 12.95
CA SER D 166 11.74 -49.94 12.25
C SER D 166 12.13 -48.48 12.40
N GLN D 167 12.57 -48.08 13.59
CA GLN D 167 12.93 -46.69 13.82
C GLN D 167 14.24 -46.33 13.12
N ARG D 168 15.20 -47.26 13.09
CA ARG D 168 16.44 -46.99 12.37
C ARG D 168 16.18 -46.79 10.88
N ILE D 169 15.35 -47.64 10.28
CA ILE D 169 15.08 -47.53 8.85
C ILE D 169 14.48 -46.17 8.53
N VAL D 170 13.47 -45.76 9.28
CA VAL D 170 12.80 -44.48 9.01
C VAL D 170 13.78 -43.33 9.15
N LYS D 171 14.63 -43.36 10.18
CA LYS D 171 15.61 -42.30 10.34
C LYS D 171 16.59 -42.26 9.17
N GLN D 172 16.90 -43.40 8.59
CA GLN D 172 17.70 -43.43 7.37
C GLN D 172 16.93 -42.79 6.21
N ALA D 173 15.66 -43.17 6.04
CA ALA D 173 14.84 -42.60 4.98
C ALA D 173 14.71 -41.09 5.14
N MET D 174 14.72 -40.59 6.37
CA MET D 174 14.62 -39.15 6.61
C MET D 174 15.87 -38.39 6.23
N LEU D 175 16.97 -39.09 5.93
CA LEU D 175 18.22 -38.42 5.61
C LEU D 175 18.02 -37.43 4.47
N THR D 176 18.32 -36.17 4.72
CA THR D 176 18.07 -35.09 3.78
C THR D 176 19.32 -34.37 3.33
N GLU D 177 20.28 -34.15 4.24
CA GLU D 177 21.50 -33.43 3.91
C GLU D 177 22.57 -33.82 4.92
N ALA D 178 23.82 -33.83 4.46
CA ALA D 178 24.93 -34.20 5.33
C ALA D 178 26.23 -33.70 4.71
N ASN D 179 27.14 -33.26 5.59
CA ASN D 179 28.47 -32.83 5.19
C ASN D 179 29.37 -32.92 6.42
N GLY D 180 30.53 -32.28 6.37
CA GLY D 180 31.46 -32.32 7.49
C GLY D 180 31.01 -31.52 8.70
N ASP D 181 29.98 -30.69 8.56
CA ASP D 181 29.55 -29.80 9.64
C ASP D 181 28.30 -30.29 10.37
N TYR D 182 27.35 -30.91 9.67
CA TYR D 182 26.11 -31.32 10.29
C TYR D 182 25.46 -32.42 9.46
N ILE D 183 24.40 -32.99 10.03
CA ILE D 183 23.55 -33.97 9.34
C ILE D 183 22.11 -33.60 9.64
N ILE D 184 21.28 -33.50 8.59
CA ILE D 184 19.88 -33.12 8.73
C ILE D 184 19.03 -34.32 8.34
N ARG D 185 18.21 -34.79 9.28
CA ARG D 185 17.17 -35.77 9.01
C ARG D 185 15.83 -35.09 9.24
N ALA D 186 15.03 -34.96 8.18
CA ALA D 186 13.83 -34.15 8.25
C ALA D 186 12.78 -34.69 7.27
N LYS D 187 11.63 -34.03 7.25
CA LYS D 187 10.55 -34.38 6.33
C LYS D 187 9.73 -33.13 6.03
N THR D 188 9.45 -32.91 4.75
CA THR D 188 8.67 -31.76 4.32
C THR D 188 7.18 -32.08 4.38
N GLY D 189 6.38 -31.02 4.32
CA GLY D 189 4.93 -31.17 4.31
C GLY D 189 4.29 -30.00 3.61
N TYR D 190 3.18 -30.27 2.93
CA TYR D 190 2.45 -29.25 2.18
C TYR D 190 0.96 -29.54 2.31
N SER D 191 0.29 -28.83 3.22
CA SER D 191 -1.14 -29.01 3.45
C SER D 191 -1.91 -28.06 2.54
N THR D 192 -2.72 -28.63 1.64
CA THR D 192 -3.41 -27.86 0.61
C THR D 192 -4.91 -28.09 0.56
N ARG D 193 -5.42 -29.21 1.05
CA ARG D 193 -6.83 -29.53 0.89
C ARG D 193 -7.72 -28.74 1.83
N ILE D 194 -7.24 -28.40 3.01
CA ILE D 194 -8.02 -27.69 4.02
C ILE D 194 -7.28 -26.42 4.42
N GLU D 195 -8.00 -25.31 4.49
CA GLU D 195 -7.39 -24.07 4.93
C GLU D 195 -7.05 -24.16 6.42
N PRO D 196 -5.99 -23.46 6.86
CA PRO D 196 -5.10 -22.61 6.06
C PRO D 196 -4.03 -23.40 5.31
N LYS D 197 -3.73 -23.00 4.08
CA LYS D 197 -2.64 -23.61 3.34
C LYS D 197 -1.32 -23.28 4.03
N ILE D 198 -0.55 -24.32 4.38
CA ILE D 198 0.70 -24.16 5.09
C ILE D 198 1.75 -25.10 4.53
N GLY D 199 2.99 -24.84 4.88
CA GLY D 199 4.10 -25.72 4.55
C GLY D 199 4.83 -26.12 5.83
N TRP D 200 5.29 -27.37 5.86
CA TRP D 200 5.96 -27.94 7.03
C TRP D 200 7.42 -28.21 6.73
N TRP D 201 8.22 -28.23 7.81
CA TRP D 201 9.52 -28.90 7.77
C TRP D 201 9.89 -29.26 9.20
N VAL D 202 10.00 -30.55 9.49
CA VAL D 202 10.31 -31.04 10.83
C VAL D 202 11.43 -32.07 10.72
N GLY D 203 12.29 -32.09 11.74
CA GLY D 203 13.40 -33.02 11.76
C GLY D 203 14.38 -32.69 12.87
N TRP D 204 15.67 -32.80 12.57
CA TRP D 204 16.68 -32.40 13.55
C TRP D 204 18.03 -32.27 12.86
N VAL D 205 18.91 -31.50 13.50
CA VAL D 205 20.28 -31.32 13.06
C VAL D 205 21.18 -32.08 14.01
N GLU D 206 21.98 -33.01 13.47
CA GLU D 206 22.95 -33.75 14.26
C GLU D 206 24.29 -33.04 14.19
N LEU D 207 24.88 -32.79 15.36
CA LEU D 207 26.21 -32.20 15.47
C LEU D 207 27.16 -33.22 16.11
N ASP D 208 28.42 -32.83 16.25
CA ASP D 208 29.40 -33.71 16.88
C ASP D 208 29.03 -33.98 18.33
N ASP D 209 28.58 -32.95 19.05
CA ASP D 209 28.37 -33.05 20.49
C ASP D 209 26.96 -32.68 20.92
N ASN D 210 26.02 -32.54 19.99
CA ASN D 210 24.67 -32.13 20.36
C ASN D 210 23.74 -32.39 19.18
N VAL D 211 22.45 -32.31 19.44
CA VAL D 211 21.41 -32.47 18.43
C VAL D 211 20.38 -31.37 18.63
N TRP D 212 20.05 -30.69 17.54
CA TRP D 212 19.03 -29.64 17.54
C TRP D 212 17.81 -30.15 16.78
N PHE D 213 16.73 -30.40 17.51
CA PHE D 213 15.46 -30.73 16.87
C PHE D 213 14.79 -29.45 16.40
N PHE D 214 14.08 -29.55 15.28
CA PHE D 214 13.39 -28.38 14.74
C PHE D 214 12.04 -28.79 14.17
N ALA D 215 11.11 -27.84 14.16
CA ALA D 215 9.81 -28.00 13.53
C ALA D 215 9.31 -26.61 13.16
N MET D 216 8.95 -26.42 11.89
CA MET D 216 8.51 -25.12 11.41
C MET D 216 7.31 -25.32 10.49
N ASN D 217 6.42 -24.33 10.51
CA ASN D 217 5.38 -24.22 9.50
C ASN D 217 5.20 -22.76 9.15
N MET D 218 4.64 -22.52 7.97
CA MET D 218 4.41 -21.17 7.48
C MET D 218 3.25 -21.18 6.49
N ASP D 219 2.54 -20.06 6.40
CA ASP D 219 1.45 -19.95 5.44
C ASP D 219 2.00 -20.12 4.03
N MET D 220 1.32 -20.95 3.24
CA MET D 220 1.75 -21.31 1.89
C MET D 220 0.58 -21.17 0.93
N PRO D 221 0.17 -19.93 0.62
CA PRO D 221 -0.98 -19.77 -0.28
C PRO D 221 -0.74 -20.29 -1.68
N THR D 222 0.52 -20.33 -2.13
CA THR D 222 0.86 -20.87 -3.44
C THR D 222 2.14 -21.69 -3.33
N SER D 223 2.30 -22.61 -4.29
CA SER D 223 3.42 -23.55 -4.24
C SER D 223 4.75 -22.89 -4.53
N ASP D 224 4.76 -21.67 -5.08
CA ASP D 224 6.01 -21.02 -5.45
C ASP D 224 6.90 -20.74 -4.25
N GLY D 225 6.33 -20.68 -3.04
CA GLY D 225 7.06 -20.37 -1.84
C GLY D 225 7.53 -21.55 -1.03
N LEU D 226 7.44 -22.78 -1.56
CA LEU D 226 7.83 -23.95 -0.78
C LEU D 226 9.30 -23.90 -0.39
N GLY D 227 10.15 -23.33 -1.24
CA GLY D 227 11.57 -23.29 -0.95
C GLY D 227 11.91 -22.51 0.31
N LEU D 228 10.99 -21.68 0.81
CA LEU D 228 11.27 -20.89 2.00
C LEU D 228 11.21 -21.72 3.27
N ARG D 229 10.54 -22.87 3.24
CA ARG D 229 10.52 -23.74 4.41
C ARG D 229 11.93 -24.06 4.87
N GLN D 230 12.79 -24.49 3.95
CA GLN D 230 14.17 -24.78 4.30
C GLN D 230 15.00 -23.51 4.42
N ALA D 231 14.79 -22.55 3.52
CA ALA D 231 15.61 -21.34 3.52
C ALA D 231 15.49 -20.60 4.84
N ILE D 232 14.25 -20.33 5.28
CA ILE D 232 14.05 -19.59 6.52
C ILE D 232 14.60 -20.38 7.70
N THR D 233 14.32 -21.68 7.75
CA THR D 233 14.84 -22.50 8.84
C THR D 233 16.35 -22.41 8.93
N LYS D 234 17.04 -22.53 7.79
CA LYS D 234 18.50 -22.50 7.79
C LYS D 234 19.03 -21.14 8.22
N GLU D 235 18.34 -20.07 7.81
CA GLU D 235 18.78 -18.73 8.24
C GLU D 235 18.63 -18.57 9.75
N VAL D 236 17.65 -19.23 10.37
CA VAL D 236 17.56 -19.24 11.81
C VAL D 236 18.68 -20.06 12.42
N LEU D 237 18.98 -21.21 11.81
CA LEU D 237 20.09 -22.03 12.28
C LEU D 237 21.41 -21.27 12.19
N LYS D 238 21.60 -20.50 11.12
CA LYS D 238 22.81 -19.72 10.98
C LYS D 238 22.86 -18.60 12.01
N GLN D 239 21.74 -17.91 12.24
CA GLN D 239 21.70 -16.85 13.23
C GLN D 239 22.11 -17.37 14.60
N GLU D 240 21.56 -18.51 15.00
CA GLU D 240 21.92 -19.14 16.26
C GLU D 240 23.27 -19.83 16.20
N LYS D 241 24.01 -19.69 15.10
CA LYS D 241 25.34 -20.27 14.95
C LYS D 241 25.32 -21.76 15.25
N ILE D 242 24.26 -22.43 14.81
CA ILE D 242 24.20 -23.89 14.86
C ILE D 242 24.77 -24.52 13.59
N ILE D 243 24.77 -23.78 12.48
CA ILE D 243 25.42 -24.24 11.25
C ILE D 243 26.16 -23.07 10.62
N PRO D 244 27.29 -23.36 9.95
CA PRO D 244 28.04 -22.26 9.33
C PRO D 244 27.21 -21.41 8.38
C1 5FL E . -17.26 2.92 -3.40
C2 5FL E . -17.17 4.31 -3.50
C3 5FL E . -16.59 4.99 -2.44
C4 5FL E . -16.14 4.28 -1.34
C5 5FL E . -17.71 5.03 -4.69
C6 5FL E . -18.88 4.60 -5.30
C7 5FL E . -19.44 5.30 -6.37
C8 5FL E . -18.80 6.43 -6.84
O 5FL E . -21.22 3.74 -6.45
C11 5FL E . -20.71 4.82 -6.98
O1 5FL E . -21.24 5.42 -7.90
C9 5FL E . -17.63 6.86 -6.25
C10 5FL E . -17.09 6.17 -5.18
C 5FL E . -16.77 2.30 -2.26
N 5FL E . -16.22 2.96 -1.23
H1 5FL E . -17.68 2.31 -4.19
H2 5FL E . -16.50 6.07 -2.47
H3 5FL E . -15.69 4.80 -0.49
H4 5FL E . -19.36 3.69 -4.92
H5 5FL E . -19.23 6.98 -7.68
H6 5FL E . -17.11 7.76 -6.60
H7 5FL E . -16.17 6.56 -4.75
H 5FL E . -16.84 1.21 -2.17
C1 5FL F . -13.08 11.75 12.71
C2 5FL F . -12.75 12.64 11.68
C3 5FL F . -13.35 12.44 10.45
C4 5FL F . -14.22 11.38 10.29
C5 5FL F . -11.77 13.73 11.90
C6 5FL F . -10.75 13.59 12.84
C7 5FL F . -9.78 14.57 13.01
C8 5FL F . -9.84 15.73 12.23
O 5FL F . -7.84 15.37 14.07
C11 5FL F . -8.70 14.39 14.01
O1 5FL F . -8.62 13.39 14.72
C9 5FL F . -10.85 15.89 11.30
C10 5FL F . -11.81 14.90 11.14
C 5FL F . -13.96 10.71 12.45
N 5FL F . -14.54 10.52 11.26
H1 5FL F . -12.65 11.84 13.70
H2 5FL F . -13.14 13.11 9.62
H3 5FL F . -14.71 11.19 9.33
H4 5FL F . -10.73 12.69 13.45
H5 5FL F . -9.08 16.50 12.35
H6 5FL F . -10.92 16.78 10.69
H7 5FL F . -12.59 15.08 10.39
H 5FL F . -14.22 10.02 13.24
CL CL G . -1.48 28.70 27.98
C1 5FL H . 12.57 7.28 -22.30
C1 5FL H . 15.05 9.92 -24.88
C2 5FL H . 13.68 6.80 -21.60
C2 5FL H . 16.23 9.49 -24.28
C3 5FL H . 13.44 5.84 -20.63
C3 5FL H . 17.42 9.98 -24.81
C4 5FL H . 12.15 5.40 -20.41
C4 5FL H . 17.38 10.85 -25.89
C5 5FL H . 15.04 7.32 -21.88
C5 5FL H . 16.23 8.56 -23.12
C6 5FL H . 15.99 7.36 -20.86
C6 5FL H . 17.04 8.79 -22.02
C7 5FL H . 17.28 7.85 -21.10
C7 5FL H . 17.06 7.93 -20.94
C8 5FL H . 17.61 8.30 -22.36
C8 5FL H . 16.24 6.80 -20.95
O 5FL H . 18.01 7.49 -18.86
O 5FL H . 17.99 7.44 -18.81
C11 5FL H . 18.28 7.88 -19.99
C11 5FL H . 17.95 8.19 -19.77
O1 5FL H . 19.45 8.37 -20.33
O1 5FL H . 18.67 9.28 -19.88
C9 5FL H . 16.67 8.26 -23.38
C9 5FL H . 15.41 6.56 -22.04
C10 5FL H . 15.39 7.78 -23.14
C10 5FL H . 15.41 7.43 -23.11
C 5FL H . 11.32 6.78 -22.01
C 5FL H . 15.10 10.79 -25.95
N 5FL H . 11.09 5.85 -21.08
N 5FL H . 16.25 11.26 -26.46
H1 5FL H . 12.66 8.04 -23.08
H1 5FL H . 14.07 9.59 -24.52
H2 5FL H . 14.27 5.43 -20.05
H2 5FL H . 18.38 9.69 -24.38
H3 5FL H . 11.94 4.65 -19.65
H3 5FL H . 18.29 11.25 -26.32
H4 5FL H . 15.72 6.99 -19.87
H4 5FL H . 17.69 9.67 -22.03
H5 5FL H . 18.61 8.69 -22.55
H5 5FL H . 16.25 6.12 -20.11
H6 5FL H . 16.92 8.61 -24.38
H6 5FL H . 14.75 5.69 -22.06
H7 5FL H . 14.70 7.77 -23.97
H7 5FL H . 14.74 7.19 -23.94
H 5FL H . 10.45 7.14 -22.56
H 5FL H . 14.18 11.12 -26.41
CL CL I . 33.80 -3.64 -11.57
C1 5FL J . 2.84 -29.09 -4.73
C1 5FL J . 1.00 -33.49 -2.75
C2 5FL J . 3.98 -29.85 -4.44
C2 5FL J . 1.43 -32.33 -2.11
C3 5FL J . 5.12 -29.59 -5.21
C3 5FL J . 0.51 -31.66 -1.30
C4 5FL J . 5.06 -28.62 -6.19
C4 5FL J . -0.77 -32.17 -1.18
C5 5FL J . 3.99 -30.86 -3.36
C5 5FL J . 2.82 -31.83 -2.27
C6 5FL J . 4.83 -30.73 -2.27
C6 5FL J . 3.78 -32.05 -1.29
C7 5FL J . 4.85 -31.68 -1.25
C7 5FL J . 5.08 -31.57 -1.42
C8 5FL J . 4.00 -32.78 -1.33
C8 5FL J . 5.42 -30.83 -2.55
O 5FL J . 5.69 -32.46 0.81
O 5FL J . 5.64 -32.51 0.66
C11 5FL J . 5.77 -31.52 -0.09
C11 5FL J . 6.08 -31.82 -0.35
O1 5FL J . 6.52 -30.54 0.01
O1 5FL J . 7.23 -31.40 -0.42
C9 5FL J . 3.15 -32.92 -2.41
C9 5FL J . 4.48 -30.61 -3.54
C10 5FL J . 3.15 -31.98 -3.42
C10 5FL J . 3.19 -31.10 -3.40
C 5FL J . 2.89 -28.15 -5.73
C 5FL J . -0.30 -33.91 -2.56
N 5FL J . 3.97 -27.90 -6.47
N 5FL J . -1.19 -33.27 -1.80
H1 5FL J . 1.91 -29.23 -4.17
H1 5FL J . 1.65 -34.06 -3.40
H2 5FL J . 6.03 -30.15 -5.03
H2 5FL J . 0.80 -30.75 -0.78
H3 5FL J . 5.94 -28.41 -6.81
H3 5FL J . -1.51 -31.66 -0.56
H4 5FL J . 5.49 -29.87 -2.23
H4 5FL J . 3.49 -32.63 -0.42
H5 5FL J . 4.01 -33.53 -0.53
H5 5FL J . 6.43 -30.45 -2.66
H6 5FL J . 2.47 -33.78 -2.48
H6 5FL J . 4.73 -30.04 -4.43
H7 5FL J . 2.45 -32.14 -4.25
H7 5FL J . 2.49 -30.88 -4.21
H 5FL J . 2.00 -27.56 -5.95
H 5FL J . -0.64 -34.81 -3.07
#